data_7JY1
#
_entry.id   7JY1
#
_cell.length_a   53.720
_cell.length_b   81.390
_cell.length_c   64.500
_cell.angle_alpha   90.000
_cell.angle_beta   97.270
_cell.angle_gamma   90.000
#
_symmetry.space_group_name_H-M   'P 1 21 1'
#
loop_
_entity.id
_entity.type
_entity.pdbx_description
1 polymer 'Hemoglobin subunit alpha'
2 polymer 'Hemoglobin subunit beta'
3 non-polymer 'PROTOPORPHYRIN IX CONTAINING FE'
4 non-polymer 'CARBON MONOXIDE'
5 non-polymer 1,4,7,10,13,16-HEXAOXACYCLOOCTADECANE
6 non-polymer '[6-{(1S)-1-[(2-amino-6-fluoroquinolin-3-yl)oxy]ethyl}-5-(1H-pyrazol-1-yl)-1H-indazol-1-yl]acetic acid'
7 water water
#
loop_
_entity_poly.entity_id
_entity_poly.type
_entity_poly.pdbx_seq_one_letter_code
_entity_poly.pdbx_strand_id
1 'polypeptide(L)'
;VLSPADKTNVKAAWGKVGAHAGEYGAEALERMFLSFPTTKTYFPHFDLSHGSAQVKGHGKKVADALTNAVAHVDDMPNAL
SALSDLHAHKLRVDPVNFKLLSHCLLVTLAAHLPAEFTPAVHASLDKFLASVSTVLTSKYR
;
A,C
2 'polypeptide(L)'
;VHLTPEEKSAVTALWGKVNVDEVGGEALGRLLVVYPWTQRFFESFGDLSTPDAVMGNPKVKAHGKKVLGAFSDGLAHLDN
LKGTFATLSELHCDKLHVDPENFRLLGNVLVCVLAHHFGKEFTPPVQAAYQKVVAGVANALAHKYH
;
B,D
#
loop_
_chem_comp.id
_chem_comp.type
_chem_comp.name
_chem_comp.formula
CMO non-polymer 'CARBON MONOXIDE' 'C O'
HEM non-polymer 'PROTOPORPHYRIN IX CONTAINING FE' 'C34 H32 Fe N4 O4'
O4B non-polymer 1,4,7,10,13,16-HEXAOXACYCLOOCTADECANE 'C12 H24 O6'
VOP non-polymer '[6-{(1S)-1-[(2-amino-6-fluoroquinolin-3-yl)oxy]ethyl}-5-(1H-pyrazol-1-yl)-1H-indazol-1-yl]acetic acid' 'C23 H19 F N6 O3'
#
# COMPACT_ATOMS: atom_id res chain seq x y z
N VAL A 1 10.72 -0.02 10.33
CA VAL A 1 11.71 0.12 11.40
C VAL A 1 12.29 -1.24 11.62
N LEU A 2 13.61 -1.36 11.43
CA LEU A 2 14.28 -2.64 11.53
C LEU A 2 14.67 -2.96 12.95
N SER A 3 14.49 -4.23 13.34
CA SER A 3 14.95 -4.66 14.66
C SER A 3 16.45 -5.00 14.60
N PRO A 4 17.13 -5.13 15.76
CA PRO A 4 18.53 -5.60 15.75
C PRO A 4 18.67 -6.97 15.06
N ALA A 5 17.70 -7.92 15.30
CA ALA A 5 17.75 -9.22 14.60
C ALA A 5 17.60 -9.01 13.09
N ASP A 6 16.76 -8.05 12.67
CA ASP A 6 16.60 -7.81 11.23
C ASP A 6 17.91 -7.41 10.60
N LYS A 7 18.63 -6.46 11.23
CA LYS A 7 19.89 -5.96 10.69
C LYS A 7 20.92 -7.10 10.63
N THR A 8 20.99 -7.94 11.67
CA THR A 8 21.87 -9.09 11.67
C THR A 8 21.52 -10.03 10.51
N ASN A 9 20.22 -10.34 10.34
CA ASN A 9 19.77 -11.24 9.28
C ASN A 9 20.11 -10.70 7.89
N VAL A 10 19.90 -9.41 7.68
CA VAL A 10 20.16 -8.75 6.40
C VAL A 10 21.63 -8.74 6.10
N LYS A 11 22.48 -8.38 7.08
CA LYS A 11 23.91 -8.39 6.84
C LYS A 11 24.40 -9.79 6.46
N ALA A 12 23.86 -10.82 7.12
CA ALA A 12 24.27 -12.20 6.85
C ALA A 12 23.78 -12.67 5.46
N ALA A 13 22.51 -12.46 5.14
CA ALA A 13 21.97 -12.95 3.85
C ALA A 13 22.50 -12.14 2.68
N TRP A 14 22.54 -10.81 2.83
CA TRP A 14 23.07 -10.01 1.74
C TRP A 14 24.53 -10.23 1.46
N GLY A 15 25.34 -10.43 2.51
CA GLY A 15 26.76 -10.67 2.37
C GLY A 15 27.07 -11.94 1.57
N LYS A 16 26.16 -12.95 1.62
CA LYS A 16 26.33 -14.24 0.92
C LYS A 16 26.26 -14.11 -0.60
N VAL A 17 25.67 -13.00 -1.09
CA VAL A 17 25.58 -12.66 -2.50
C VAL A 17 27.02 -12.57 -3.06
N GLY A 18 27.86 -11.83 -2.32
CA GLY A 18 29.27 -11.63 -2.60
C GLY A 18 29.58 -11.11 -3.98
N ALA A 19 30.41 -11.88 -4.70
CA ALA A 19 30.90 -11.59 -6.04
C ALA A 19 29.82 -11.69 -7.13
N HIS A 20 28.61 -12.16 -6.77
CA HIS A 20 27.53 -12.35 -7.73
C HIS A 20 26.49 -11.20 -7.78
N ALA A 21 26.84 -10.01 -7.24
CA ALA A 21 25.97 -8.82 -7.23
C ALA A 21 25.27 -8.55 -8.55
N GLY A 22 26.04 -8.48 -9.63
CA GLY A 22 25.55 -8.29 -10.99
C GLY A 22 24.53 -9.34 -11.42
N GLU A 23 24.83 -10.64 -11.19
CA GLU A 23 23.92 -11.73 -11.58
C GLU A 23 22.58 -11.66 -10.87
N TYR A 24 22.57 -11.42 -9.54
CA TYR A 24 21.33 -11.34 -8.77
C TYR A 24 20.49 -10.11 -9.19
N GLY A 25 21.13 -8.96 -9.28
CA GLY A 25 20.44 -7.72 -9.65
C GLY A 25 19.84 -7.80 -11.04
N ALA A 26 20.60 -8.34 -11.98
CA ALA A 26 20.13 -8.45 -13.34
C ALA A 26 18.96 -9.43 -13.43
N GLU A 27 19.01 -10.57 -12.68
CA GLU A 27 17.87 -11.50 -12.72
C GLU A 27 16.62 -10.87 -12.08
N ALA A 28 16.80 -10.13 -10.98
CA ALA A 28 15.63 -9.50 -10.34
C ALA A 28 14.96 -8.51 -11.31
N LEU A 29 15.77 -7.75 -12.06
CA LEU A 29 15.25 -6.82 -13.07
C LEU A 29 14.53 -7.56 -14.18
N GLU A 30 15.11 -8.67 -14.70
CA GLU A 30 14.50 -9.46 -15.77
C GLU A 30 13.17 -10.02 -15.23
N ARG A 31 13.16 -10.53 -13.99
CA ARG A 31 11.90 -11.04 -13.41
C ARG A 31 10.84 -9.95 -13.36
N MET A 32 11.23 -8.74 -12.94
CA MET A 32 10.30 -7.61 -12.85
C MET A 32 9.74 -7.22 -14.23
N PHE A 33 10.61 -7.09 -15.25
CA PHE A 33 10.17 -6.71 -16.59
C PHE A 33 9.24 -7.72 -17.22
N LEU A 34 9.48 -9.04 -16.97
CA LEU A 34 8.60 -10.05 -17.55
C LEU A 34 7.30 -10.17 -16.78
N SER A 35 7.38 -10.19 -15.42
CA SER A 35 6.21 -10.36 -14.58
C SER A 35 5.30 -9.15 -14.53
N PHE A 36 5.88 -7.92 -14.60
CA PHE A 36 5.11 -6.69 -14.44
C PHE A 36 5.54 -5.78 -15.56
N PRO A 37 5.01 -6.02 -16.78
CA PRO A 37 5.53 -5.28 -17.95
C PRO A 37 5.41 -3.78 -17.92
N THR A 38 4.52 -3.24 -17.09
CA THR A 38 4.38 -1.76 -16.99
C THR A 38 5.69 -1.14 -16.47
N THR A 39 6.52 -1.94 -15.70
CA THR A 39 7.79 -1.44 -15.16
C THR A 39 8.78 -1.08 -16.30
N LYS A 40 8.57 -1.65 -17.51
CA LYS A 40 9.45 -1.36 -18.65
C LYS A 40 9.36 0.09 -19.08
N THR A 41 8.22 0.78 -18.75
CA THR A 41 7.98 2.19 -19.12
CA THR A 41 8.06 2.17 -19.21
C THR A 41 9.06 3.14 -18.57
N TYR A 42 9.76 2.71 -17.50
CA TYR A 42 10.80 3.55 -16.92
C TYR A 42 12.13 3.40 -17.64
N PHE A 43 12.23 2.37 -18.51
CA PHE A 43 13.47 2.06 -19.19
C PHE A 43 13.31 2.03 -20.72
N PRO A 44 12.70 3.07 -21.33
CA PRO A 44 12.52 3.06 -22.80
C PRO A 44 13.85 3.06 -23.54
N HIS A 45 14.89 3.59 -22.87
CA HIS A 45 16.22 3.77 -23.44
C HIS A 45 17.10 2.55 -23.25
N PHE A 46 16.56 1.45 -22.65
CA PHE A 46 17.36 0.27 -22.46
C PHE A 46 17.06 -0.78 -23.49
N ASP A 47 18.09 -1.54 -23.82
CA ASP A 47 18.00 -2.76 -24.57
C ASP A 47 17.56 -3.77 -23.47
N LEU A 48 16.32 -4.25 -23.54
CA LEU A 48 15.76 -5.17 -22.53
C LEU A 48 15.71 -6.63 -22.96
N SER A 49 16.36 -6.97 -24.08
CA SER A 49 16.44 -8.36 -24.58
C SER A 49 17.12 -9.24 -23.51
N HIS A 50 16.86 -10.55 -23.54
CA HIS A 50 17.47 -11.45 -22.55
C HIS A 50 19.01 -11.42 -22.71
N GLY A 51 19.69 -11.35 -21.58
CA GLY A 51 21.15 -11.31 -21.54
C GLY A 51 21.75 -9.99 -22.00
N SER A 52 20.94 -8.92 -22.02
CA SER A 52 21.39 -7.60 -22.46
C SER A 52 22.50 -7.12 -21.53
N ALA A 53 23.59 -6.61 -22.12
CA ALA A 53 24.73 -6.07 -21.36
C ALA A 53 24.25 -4.87 -20.52
N GLN A 54 23.30 -4.09 -21.06
CA GLN A 54 22.74 -2.94 -20.35
C GLN A 54 22.02 -3.36 -19.06
N VAL A 55 21.17 -4.41 -19.13
CA VAL A 55 20.45 -4.91 -17.95
C VAL A 55 21.47 -5.49 -16.94
N LYS A 56 22.53 -6.19 -17.45
CA LYS A 56 23.57 -6.76 -16.59
C LYS A 56 24.30 -5.66 -15.86
N GLY A 57 24.67 -4.61 -16.58
CA GLY A 57 25.40 -3.47 -16.02
C GLY A 57 24.53 -2.77 -15.00
N HIS A 58 23.22 -2.62 -15.32
CA HIS A 58 22.30 -1.96 -14.39
C HIS A 58 22.04 -2.82 -13.13
N GLY A 59 21.91 -4.14 -13.31
CA GLY A 59 21.72 -5.09 -12.22
C GLY A 59 22.84 -5.00 -11.20
N LYS A 60 24.09 -4.85 -11.71
CA LYS A 60 25.26 -4.67 -10.84
C LYS A 60 25.15 -3.38 -10.03
N LYS A 61 24.70 -2.26 -10.66
CA LYS A 61 24.54 -0.97 -9.96
C LYS A 61 23.47 -1.05 -8.88
N VAL A 62 22.33 -1.69 -9.18
CA VAL A 62 21.22 -1.88 -8.22
CA VAL A 62 21.25 -1.83 -8.18
C VAL A 62 21.73 -2.69 -7.03
N ALA A 63 22.42 -3.83 -7.31
CA ALA A 63 22.91 -4.69 -6.26
C ALA A 63 23.97 -3.99 -5.40
N ASP A 64 24.85 -3.23 -6.03
CA ASP A 64 25.91 -2.49 -5.32
C ASP A 64 25.30 -1.38 -4.44
N ALA A 65 24.20 -0.75 -4.88
CA ALA A 65 23.50 0.26 -4.08
C ALA A 65 22.90 -0.43 -2.82
N LEU A 66 22.34 -1.67 -2.98
CA LEU A 66 21.80 -2.37 -1.82
C LEU A 66 22.92 -2.75 -0.88
N THR A 67 24.09 -3.13 -1.42
CA THR A 67 25.23 -3.44 -0.56
C THR A 67 25.65 -2.17 0.21
N ASN A 68 25.59 -1.02 -0.46
CA ASN A 68 25.94 0.27 0.19
C ASN A 68 24.90 0.58 1.28
N ALA A 69 23.60 0.29 1.00
CA ALA A 69 22.50 0.47 1.97
C ALA A 69 22.75 -0.38 3.22
N VAL A 70 23.14 -1.67 3.03
CA VAL A 70 23.46 -2.57 4.14
C VAL A 70 24.63 -1.99 4.97
N ALA A 71 25.69 -1.48 4.29
CA ALA A 71 26.87 -0.92 4.95
C ALA A 71 26.57 0.37 5.74
N HIS A 72 25.44 1.02 5.44
CA HIS A 72 25.02 2.24 6.13
C HIS A 72 23.55 2.11 6.57
N VAL A 73 23.14 0.90 7.06
CA VAL A 73 21.74 0.59 7.34
C VAL A 73 21.09 1.59 8.34
N ASP A 74 21.88 2.19 9.28
CA ASP A 74 21.30 3.16 10.21
C ASP A 74 21.38 4.60 9.72
N ASP A 75 21.94 4.82 8.53
CA ASP A 75 22.07 6.17 7.99
C ASP A 75 21.69 6.20 6.50
N MET A 76 20.65 5.47 6.14
CA MET A 76 20.24 5.38 4.74
C MET A 76 19.79 6.71 4.15
N PRO A 77 19.04 7.62 4.84
CA PRO A 77 18.70 8.90 4.21
C PRO A 77 19.97 9.67 3.73
N ASN A 78 21.09 9.60 4.47
CA ASN A 78 22.29 10.26 3.95
C ASN A 78 23.02 9.42 2.91
N ALA A 79 23.25 8.13 3.19
CA ALA A 79 23.98 7.27 2.24
C ALA A 79 23.34 7.15 0.89
N LEU A 80 21.99 7.18 0.84
CA LEU A 80 21.24 7.01 -0.41
C LEU A 80 20.65 8.32 -0.96
N SER A 81 21.09 9.48 -0.44
CA SER A 81 20.56 10.78 -0.86
CA SER A 81 20.62 10.80 -0.85
C SER A 81 20.59 10.98 -2.38
N ALA A 82 21.69 10.62 -3.08
CA ALA A 82 21.75 10.79 -4.54
C ALA A 82 20.72 9.87 -5.23
N LEU A 83 20.49 8.64 -4.70
CA LEU A 83 19.51 7.72 -5.27
C LEU A 83 18.09 8.18 -5.04
N SER A 84 17.85 8.85 -3.89
CA SER A 84 16.51 9.41 -3.65
CA SER A 84 16.51 9.42 -3.64
C SER A 84 16.27 10.57 -4.61
N ASP A 85 17.28 11.42 -4.84
CA ASP A 85 17.14 12.53 -5.80
C ASP A 85 16.78 11.95 -7.17
N LEU A 86 17.47 10.87 -7.58
CA LEU A 86 17.19 10.25 -8.86
C LEU A 86 15.79 9.65 -8.95
N HIS A 87 15.40 8.82 -7.98
CA HIS A 87 14.13 8.10 -8.10
C HIS A 87 12.90 8.91 -7.71
N ALA A 88 13.04 9.75 -6.73
CA ALA A 88 11.90 10.54 -6.24
C ALA A 88 11.74 11.87 -6.97
N HIS A 89 12.85 12.61 -7.19
CA HIS A 89 12.80 13.93 -7.83
C HIS A 89 12.86 13.84 -9.34
N LYS A 90 13.81 13.07 -9.92
CA LYS A 90 13.96 13.07 -11.38
C LYS A 90 13.03 12.10 -12.07
N LEU A 91 13.11 10.80 -11.70
CA LEU A 91 12.29 9.80 -12.40
C LEU A 91 10.86 9.75 -11.93
N ARG A 92 10.59 10.16 -10.68
CA ARG A 92 9.24 10.13 -10.12
C ARG A 92 8.64 8.73 -10.22
N VAL A 93 9.43 7.72 -9.78
CA VAL A 93 8.96 6.33 -9.80
C VAL A 93 7.79 6.13 -8.84
N ASP A 94 6.67 5.56 -9.34
CA ASP A 94 5.54 5.22 -8.45
C ASP A 94 6.02 4.17 -7.45
N PRO A 95 5.78 4.38 -6.15
CA PRO A 95 6.26 3.43 -5.13
C PRO A 95 5.79 1.98 -5.32
N VAL A 96 4.68 1.76 -6.06
CA VAL A 96 4.27 0.36 -6.30
C VAL A 96 5.40 -0.41 -6.99
N ASN A 97 6.16 0.27 -7.90
CA ASN A 97 7.23 -0.40 -8.62
C ASN A 97 8.34 -0.89 -7.69
N PHE A 98 8.56 -0.22 -6.55
CA PHE A 98 9.56 -0.67 -5.60
C PHE A 98 9.08 -1.96 -4.90
N LYS A 99 7.74 -2.11 -4.68
CA LYS A 99 7.21 -3.36 -4.12
C LYS A 99 7.46 -4.51 -5.12
N LEU A 100 7.29 -4.21 -6.40
CA LEU A 100 7.50 -5.17 -7.48
C LEU A 100 8.93 -5.60 -7.58
N LEU A 101 9.88 -4.65 -7.58
CA LEU A 101 11.29 -5.03 -7.68
C LEU A 101 11.75 -5.76 -6.39
N SER A 102 11.27 -5.32 -5.23
CA SER A 102 11.59 -5.93 -3.93
C SER A 102 11.15 -7.38 -3.94
N HIS A 103 9.92 -7.65 -4.41
CA HIS A 103 9.39 -9.02 -4.52
C HIS A 103 10.28 -9.83 -5.45
N CYS A 104 10.67 -9.27 -6.61
CA CYS A 104 11.53 -9.99 -7.58
C CYS A 104 12.93 -10.29 -7.04
N LEU A 105 13.46 -9.37 -6.20
CA LEU A 105 14.72 -9.60 -5.49
C LEU A 105 14.56 -10.78 -4.50
N LEU A 106 13.44 -10.81 -3.72
CA LEU A 106 13.21 -11.91 -2.80
C LEU A 106 13.08 -13.23 -3.55
N VAL A 107 12.38 -13.20 -4.70
CA VAL A 107 12.23 -14.43 -5.50
C VAL A 107 13.60 -14.92 -5.98
N THR A 108 14.47 -13.99 -6.43
CA THR A 108 15.79 -14.38 -6.90
C THR A 108 16.63 -14.97 -5.76
N LEU A 109 16.54 -14.36 -4.56
CA LEU A 109 17.27 -14.86 -3.41
C LEU A 109 16.75 -16.23 -3.00
N ALA A 110 15.42 -16.43 -3.02
CA ALA A 110 14.84 -17.72 -2.66
C ALA A 110 15.34 -18.83 -3.62
N ALA A 111 15.34 -18.52 -4.95
CA ALA A 111 15.72 -19.48 -5.96
C ALA A 111 17.20 -19.86 -5.88
N HIS A 112 18.08 -18.90 -5.65
CA HIS A 112 19.52 -19.13 -5.73
C HIS A 112 20.27 -19.30 -4.41
N LEU A 113 19.68 -18.85 -3.28
CA LEU A 113 20.25 -19.02 -1.95
C LEU A 113 19.23 -19.69 -1.01
N PRO A 114 18.79 -20.93 -1.33
CA PRO A 114 17.73 -21.56 -0.52
C PRO A 114 18.06 -21.74 0.94
N ALA A 115 19.31 -22.10 1.26
CA ALA A 115 19.71 -22.33 2.64
C ALA A 115 19.65 -21.06 3.49
N GLU A 116 19.90 -19.89 2.86
CA GLU A 116 19.89 -18.59 3.54
C GLU A 116 18.50 -18.02 3.69
N PHE A 117 17.58 -18.43 2.79
CA PHE A 117 16.26 -17.84 2.74
C PHE A 117 15.28 -18.47 3.71
N THR A 118 15.57 -18.36 5.00
CA THR A 118 14.70 -18.92 6.03
C THR A 118 13.51 -17.95 6.21
N PRO A 119 12.42 -18.36 6.89
CA PRO A 119 11.32 -17.41 7.12
C PRO A 119 11.76 -16.14 7.88
N ALA A 120 12.62 -16.27 8.91
CA ALA A 120 13.07 -15.08 9.63
C ALA A 120 13.86 -14.16 8.72
N VAL A 121 14.74 -14.72 7.89
CA VAL A 121 15.56 -13.93 6.96
C VAL A 121 14.70 -13.29 5.87
N HIS A 122 13.71 -14.03 5.35
CA HIS A 122 12.78 -13.51 4.36
C HIS A 122 12.07 -12.28 4.97
N ALA A 123 11.60 -12.39 6.25
CA ALA A 123 10.92 -11.29 6.92
C ALA A 123 11.87 -10.08 7.05
N SER A 124 13.11 -10.32 7.49
CA SER A 124 14.04 -9.22 7.66
C SER A 124 14.40 -8.54 6.34
N LEU A 125 14.62 -9.33 5.26
CA LEU A 125 14.92 -8.77 3.95
C LEU A 125 13.76 -7.95 3.42
N ASP A 126 12.51 -8.43 3.61
CA ASP A 126 11.34 -7.70 3.13
C ASP A 126 11.25 -6.33 3.83
N LYS A 127 11.55 -6.30 5.16
CA LYS A 127 11.51 -5.05 5.89
C LYS A 127 12.63 -4.11 5.42
N PHE A 128 13.82 -4.66 5.19
CA PHE A 128 14.97 -3.86 4.73
C PHE A 128 14.66 -3.23 3.36
N LEU A 129 14.12 -4.02 2.41
CA LEU A 129 13.82 -3.51 1.08
C LEU A 129 12.71 -2.48 1.18
N ALA A 130 11.74 -2.65 2.12
CA ALA A 130 10.69 -1.64 2.26
C ALA A 130 11.30 -0.33 2.78
N SER A 131 12.23 -0.41 3.77
CA SER A 131 12.92 0.78 4.29
C SER A 131 13.74 1.48 3.17
N VAL A 132 14.50 0.72 2.36
CA VAL A 132 15.26 1.28 1.26
C VAL A 132 14.29 1.96 0.28
N SER A 133 13.15 1.27 -0.02
CA SER A 133 12.16 1.83 -0.94
C SER A 133 11.57 3.15 -0.44
N THR A 134 11.34 3.26 0.89
CA THR A 134 10.82 4.52 1.45
C THR A 134 11.86 5.63 1.24
N VAL A 135 13.14 5.34 1.46
CA VAL A 135 14.18 6.35 1.29
C VAL A 135 14.23 6.82 -0.19
N LEU A 136 14.25 5.86 -1.12
CA LEU A 136 14.37 6.19 -2.55
C LEU A 136 13.15 6.87 -3.16
N THR A 137 11.95 6.70 -2.53
CA THR A 137 10.73 7.31 -3.05
C THR A 137 10.29 8.55 -2.32
N SER A 138 11.07 9.00 -1.31
CA SER A 138 10.71 10.18 -0.54
CA SER A 138 10.72 10.17 -0.52
C SER A 138 11.58 11.35 -0.93
N LYS A 139 10.98 12.55 -0.93
CA LYS A 139 11.68 13.79 -1.24
C LYS A 139 11.95 14.37 0.13
N TYR A 140 13.17 14.25 0.61
CA TYR A 140 13.53 14.72 1.95
C TYR A 140 14.66 15.72 1.92
N ARG A 141 15.06 16.09 0.71
CA ARG A 141 16.09 17.08 0.37
C ARG A 141 15.58 17.92 -0.80
N VAL B 1 -8.16 -15.14 -16.39
CA VAL B 1 -6.72 -14.97 -16.59
C VAL B 1 -6.29 -15.66 -17.87
N HIS B 2 -5.56 -14.92 -18.74
CA HIS B 2 -5.03 -15.47 -19.98
C HIS B 2 -3.59 -15.90 -19.86
N LEU B 3 -3.38 -17.18 -20.11
CA LEU B 3 -2.07 -17.80 -20.20
C LEU B 3 -1.94 -18.32 -21.60
N THR B 4 -0.75 -18.15 -22.19
CA THR B 4 -0.47 -18.69 -23.52
C THR B 4 -0.36 -20.23 -23.38
N PRO B 5 -0.51 -21.04 -24.46
CA PRO B 5 -0.37 -22.51 -24.28
C PRO B 5 0.96 -22.93 -23.65
N GLU B 6 2.07 -22.22 -24.00
CA GLU B 6 3.43 -22.43 -23.47
C GLU B 6 3.43 -22.18 -21.96
N GLU B 7 2.81 -21.08 -21.51
CA GLU B 7 2.74 -20.73 -20.08
C GLU B 7 1.86 -21.74 -19.35
N LYS B 8 0.72 -22.08 -19.95
CA LYS B 8 -0.19 -23.03 -19.32
C LYS B 8 0.52 -24.38 -19.07
N SER B 9 1.32 -24.85 -20.04
CA SER B 9 2.05 -26.11 -19.93
C SER B 9 3.13 -26.03 -18.87
N ALA B 10 3.88 -24.91 -18.83
CA ALA B 10 4.95 -24.72 -17.85
C ALA B 10 4.40 -24.64 -16.41
N VAL B 11 3.29 -23.89 -16.24
CA VAL B 11 2.65 -23.74 -14.94
C VAL B 11 2.14 -25.13 -14.47
N THR B 12 1.38 -25.84 -15.34
CA THR B 12 0.83 -27.17 -15.01
C THR B 12 1.95 -28.16 -14.63
N ALA B 13 3.05 -28.18 -15.40
CA ALA B 13 4.15 -29.13 -15.16
C ALA B 13 4.83 -28.91 -13.81
N LEU B 14 5.07 -27.65 -13.44
CA LEU B 14 5.70 -27.36 -12.16
C LEU B 14 4.73 -27.68 -11.01
N TRP B 15 3.43 -27.29 -11.16
CA TRP B 15 2.40 -27.51 -10.16
C TRP B 15 2.26 -28.99 -9.82
N GLY B 16 2.42 -29.86 -10.82
CA GLY B 16 2.34 -31.30 -10.60
C GLY B 16 3.43 -31.84 -9.68
N LYS B 17 4.54 -31.07 -9.54
CA LYS B 17 5.69 -31.48 -8.74
C LYS B 17 5.70 -30.86 -7.35
N VAL B 18 4.70 -30.01 -7.04
CA VAL B 18 4.60 -29.34 -5.74
C VAL B 18 4.41 -30.35 -4.60
N ASN B 19 5.20 -30.20 -3.53
CA ASN B 19 5.08 -31.05 -2.35
C ASN B 19 3.89 -30.50 -1.59
N VAL B 20 2.76 -31.23 -1.67
CA VAL B 20 1.48 -30.80 -1.11
C VAL B 20 1.45 -30.75 0.40
N ASP B 21 2.38 -31.44 1.04
CA ASP B 21 2.41 -31.43 2.49
C ASP B 21 3.17 -30.27 3.04
N GLU B 22 4.03 -29.63 2.21
CA GLU B 22 4.92 -28.58 2.66
C GLU B 22 4.63 -27.18 2.09
N VAL B 23 4.38 -27.06 0.77
CA VAL B 23 4.32 -25.74 0.12
C VAL B 23 3.24 -24.81 0.67
N GLY B 24 2.02 -25.30 0.86
CA GLY B 24 0.95 -24.46 1.37
C GLY B 24 1.23 -23.99 2.79
N GLY B 25 1.71 -24.91 3.63
CA GLY B 25 2.09 -24.58 5.01
C GLY B 25 3.24 -23.61 5.07
N GLU B 26 4.21 -23.73 4.13
CA GLU B 26 5.32 -22.77 4.11
C GLU B 26 4.85 -21.41 3.65
N ALA B 27 3.94 -21.36 2.68
CA ALA B 27 3.40 -20.08 2.22
C ALA B 27 2.58 -19.39 3.32
N LEU B 28 1.67 -20.12 3.98
CA LEU B 28 0.91 -19.50 5.05
C LEU B 28 1.82 -19.14 6.25
N GLY B 29 2.77 -20.03 6.59
CA GLY B 29 3.69 -19.74 7.68
C GLY B 29 4.51 -18.48 7.41
N ARG B 30 5.03 -18.36 6.17
CA ARG B 30 5.81 -17.19 5.80
C ARG B 30 4.94 -15.95 5.83
N LEU B 31 3.68 -16.04 5.41
CA LEU B 31 2.79 -14.86 5.51
C LEU B 31 2.71 -14.42 6.98
N LEU B 32 2.57 -15.40 7.91
CA LEU B 32 2.42 -15.07 9.33
C LEU B 32 3.68 -14.48 9.93
N VAL B 33 4.86 -14.87 9.38
CA VAL B 33 6.15 -14.39 9.91
C VAL B 33 6.53 -13.02 9.28
N VAL B 34 6.37 -12.92 7.98
CA VAL B 34 6.74 -11.74 7.20
C VAL B 34 5.78 -10.58 7.43
N TYR B 35 4.45 -10.86 7.55
CA TYR B 35 3.44 -9.81 7.74
C TYR B 35 2.70 -10.17 9.03
N PRO B 36 3.32 -9.88 10.18
CA PRO B 36 2.81 -10.43 11.45
C PRO B 36 1.41 -10.06 11.87
N TRP B 37 0.84 -8.98 11.33
CA TRP B 37 -0.53 -8.62 11.69
C TRP B 37 -1.54 -9.67 11.21
N THR B 38 -1.14 -10.52 10.21
CA THR B 38 -2.03 -11.57 9.69
C THR B 38 -2.30 -12.60 10.77
N GLN B 39 -1.44 -12.70 11.80
CA GLN B 39 -1.67 -13.64 12.92
C GLN B 39 -2.94 -13.35 13.69
N ARG B 40 -3.44 -12.09 13.63
CA ARG B 40 -4.65 -11.74 14.35
C ARG B 40 -5.85 -12.62 13.90
N PHE B 41 -5.85 -13.07 12.63
CA PHE B 41 -6.95 -13.88 12.09
C PHE B 41 -6.85 -15.36 12.49
N PHE B 42 -5.74 -15.78 13.12
CA PHE B 42 -5.48 -17.17 13.44
C PHE B 42 -5.21 -17.45 14.91
N GLU B 43 -5.95 -16.76 15.81
CA GLU B 43 -5.80 -16.94 17.26
C GLU B 43 -6.06 -18.37 17.71
N SER B 44 -6.95 -19.10 17.00
CA SER B 44 -7.32 -20.47 17.32
C SER B 44 -6.18 -21.47 17.04
N PHE B 45 -5.10 -21.03 16.38
CA PHE B 45 -3.96 -21.89 16.03
C PHE B 45 -2.97 -22.05 17.19
N GLY B 46 -3.16 -21.26 18.24
CA GLY B 46 -2.27 -21.33 19.38
C GLY B 46 -0.96 -20.62 19.11
N ASP B 47 0.14 -21.21 19.60
CA ASP B 47 1.48 -20.61 19.54
C ASP B 47 1.95 -20.28 18.12
N LEU B 48 2.10 -18.97 17.85
CA LEU B 48 2.63 -18.44 16.59
C LEU B 48 3.66 -17.37 16.95
N SER B 49 4.24 -17.48 18.17
CA SER B 49 5.14 -16.46 18.75
C SER B 49 6.55 -16.38 18.17
N THR B 50 7.04 -17.42 17.50
CA THR B 50 8.39 -17.38 16.90
C THR B 50 8.27 -17.98 15.50
N PRO B 51 9.20 -17.68 14.58
CA PRO B 51 9.17 -18.34 13.25
C PRO B 51 9.14 -19.88 13.36
N ASP B 52 9.95 -20.47 14.27
CA ASP B 52 9.98 -21.93 14.44
C ASP B 52 8.62 -22.45 14.94
N ALA B 53 7.97 -21.71 15.86
CA ALA B 53 6.64 -22.10 16.36
C ALA B 53 5.61 -22.05 15.21
N VAL B 54 5.69 -21.02 14.34
CA VAL B 54 4.77 -20.90 13.21
C VAL B 54 4.99 -22.06 12.26
N MET B 55 6.26 -22.26 11.85
CA MET B 55 6.55 -23.25 10.80
C MET B 55 6.24 -24.68 11.23
N GLY B 56 6.39 -25.00 12.52
CA GLY B 56 6.08 -26.33 13.06
C GLY B 56 4.65 -26.52 13.56
N ASN B 57 3.80 -25.48 13.43
CA ASN B 57 2.43 -25.53 13.91
C ASN B 57 1.55 -26.43 12.97
N PRO B 58 0.97 -27.54 13.46
CA PRO B 58 0.16 -28.41 12.57
C PRO B 58 -1.07 -27.73 12.00
N LYS B 59 -1.61 -26.68 12.69
CA LYS B 59 -2.78 -25.99 12.14
C LYS B 59 -2.36 -25.13 10.95
N VAL B 60 -1.15 -24.54 11.00
CA VAL B 60 -0.63 -23.75 9.87
C VAL B 60 -0.41 -24.70 8.71
N LYS B 61 0.17 -25.88 8.97
CA LYS B 61 0.46 -26.85 7.91
C LYS B 61 -0.85 -27.34 7.26
N ALA B 62 -1.88 -27.67 8.09
CA ALA B 62 -3.14 -28.16 7.54
C ALA B 62 -3.92 -27.07 6.83
N HIS B 63 -3.97 -25.87 7.43
CA HIS B 63 -4.68 -24.76 6.79
C HIS B 63 -3.96 -24.33 5.51
N GLY B 64 -2.62 -24.36 5.53
CA GLY B 64 -1.83 -24.03 4.35
C GLY B 64 -2.14 -24.94 3.18
N LYS B 65 -2.40 -26.24 3.48
CA LYS B 65 -2.75 -27.22 2.46
C LYS B 65 -4.10 -26.88 1.84
N LYS B 66 -5.06 -26.39 2.65
CA LYS B 66 -6.37 -25.97 2.11
C LYS B 66 -6.21 -24.74 1.21
N VAL B 67 -5.35 -23.78 1.63
CA VAL B 67 -5.08 -22.58 0.82
C VAL B 67 -4.45 -23.00 -0.50
N LEU B 68 -3.50 -23.97 -0.46
CA LEU B 68 -2.87 -24.46 -1.68
C LEU B 68 -3.91 -25.13 -2.61
N GLY B 69 -4.87 -25.85 -2.01
CA GLY B 69 -5.97 -26.45 -2.76
C GLY B 69 -6.83 -25.39 -3.45
N ALA B 70 -7.04 -24.23 -2.80
CA ALA B 70 -7.81 -23.14 -3.42
C ALA B 70 -7.05 -22.52 -4.60
N PHE B 71 -5.72 -22.34 -4.49
CA PHE B 71 -4.93 -21.87 -5.64
C PHE B 71 -5.02 -22.89 -6.77
N SER B 72 -4.99 -24.18 -6.40
CA SER B 72 -5.09 -25.26 -7.38
C SER B 72 -6.44 -25.23 -8.11
N ASP B 73 -7.53 -24.93 -7.38
CA ASP B 73 -8.87 -24.76 -7.93
C ASP B 73 -8.87 -23.60 -8.94
N GLY B 74 -8.09 -22.54 -8.65
CA GLY B 74 -7.94 -21.39 -9.54
C GLY B 74 -7.29 -21.78 -10.86
N LEU B 75 -6.21 -22.57 -10.77
CA LEU B 75 -5.54 -23.09 -11.97
C LEU B 75 -6.46 -23.97 -12.83
N ALA B 76 -7.38 -24.70 -12.20
CA ALA B 76 -8.30 -25.56 -12.94
C ALA B 76 -9.42 -24.77 -13.63
N HIS B 77 -9.68 -23.51 -13.19
CA HIS B 77 -10.75 -22.65 -13.71
C HIS B 77 -10.27 -21.24 -14.01
N LEU B 78 -9.18 -21.10 -14.80
CA LEU B 78 -8.62 -19.77 -15.10
C LEU B 78 -9.58 -18.84 -15.82
N ASP B 79 -10.54 -19.44 -16.56
CA ASP B 79 -11.55 -18.71 -17.31
C ASP B 79 -12.72 -18.23 -16.43
N ASN B 80 -12.80 -18.72 -15.17
CA ASN B 80 -13.89 -18.33 -14.29
C ASN B 80 -13.43 -18.27 -12.83
N LEU B 81 -12.48 -17.38 -12.55
CA LEU B 81 -11.94 -17.17 -11.22
C LEU B 81 -13.00 -16.53 -10.29
N LYS B 82 -13.78 -15.53 -10.78
CA LYS B 82 -14.81 -14.87 -9.97
C LYS B 82 -15.84 -15.88 -9.44
N GLY B 83 -16.32 -16.76 -10.33
CA GLY B 83 -17.25 -17.83 -10.00
C GLY B 83 -16.67 -18.84 -9.02
N THR B 84 -15.43 -19.35 -9.31
CA THR B 84 -14.69 -20.31 -8.50
C THR B 84 -14.51 -19.82 -7.06
N PHE B 85 -14.19 -18.52 -6.91
CA PHE B 85 -13.87 -17.95 -5.60
C PHE B 85 -14.99 -17.19 -4.95
N ALA B 86 -16.23 -17.30 -5.46
CA ALA B 86 -17.38 -16.61 -4.89
C ALA B 86 -17.59 -16.90 -3.40
N THR B 87 -17.63 -18.19 -2.97
CA THR B 87 -17.89 -18.47 -1.55
C THR B 87 -16.70 -18.05 -0.69
N LEU B 88 -15.46 -18.23 -1.20
CA LEU B 88 -14.30 -17.79 -0.41
CA LEU B 88 -14.26 -17.80 -0.47
C LEU B 88 -14.24 -16.26 -0.35
N SER B 89 -14.76 -15.56 -1.38
CA SER B 89 -14.75 -14.09 -1.30
C SER B 89 -15.72 -13.63 -0.21
N GLU B 90 -16.90 -14.28 -0.10
CA GLU B 90 -17.87 -13.97 0.95
C GLU B 90 -17.25 -14.22 2.31
N LEU B 91 -16.51 -15.33 2.47
CA LEU B 91 -15.92 -15.65 3.75
C LEU B 91 -14.87 -14.60 4.15
N HIS B 92 -13.94 -14.31 3.24
CA HIS B 92 -12.83 -13.41 3.52
C HIS B 92 -13.24 -11.96 3.63
N CYS B 93 -14.11 -11.50 2.73
CA CYS B 93 -14.52 -10.11 2.70
C CYS B 93 -15.66 -9.85 3.67
N ASP B 94 -16.76 -10.57 3.51
CA ASP B 94 -17.97 -10.31 4.29
C ASP B 94 -17.94 -10.83 5.71
N LYS B 95 -17.31 -11.98 5.95
CA LYS B 95 -17.31 -12.55 7.30
C LYS B 95 -16.07 -12.21 8.11
N LEU B 96 -14.87 -12.28 7.48
CA LEU B 96 -13.64 -12.06 8.22
C LEU B 96 -13.11 -10.67 8.15
N HIS B 97 -13.51 -9.89 7.14
CA HIS B 97 -13.03 -8.51 6.92
C HIS B 97 -11.49 -8.45 6.71
N VAL B 98 -10.95 -9.45 5.98
CA VAL B 98 -9.53 -9.47 5.66
C VAL B 98 -9.25 -8.36 4.63
N ASP B 99 -8.36 -7.42 4.95
CA ASP B 99 -8.11 -6.35 3.94
C ASP B 99 -7.54 -7.01 2.66
N PRO B 100 -8.06 -6.67 1.45
CA PRO B 100 -7.60 -7.36 0.23
C PRO B 100 -6.13 -7.24 -0.12
N GLU B 101 -5.40 -6.23 0.39
CA GLU B 101 -3.97 -6.17 0.13
C GLU B 101 -3.31 -7.48 0.65
N ASN B 102 -3.87 -8.08 1.71
CA ASN B 102 -3.30 -9.31 2.26
C ASN B 102 -3.40 -10.50 1.28
N PHE B 103 -4.38 -10.46 0.37
CA PHE B 103 -4.53 -11.52 -0.64
C PHE B 103 -3.37 -11.43 -1.63
N ARG B 104 -2.97 -10.20 -2.02
CA ARG B 104 -1.84 -9.97 -2.91
C ARG B 104 -0.55 -10.47 -2.18
N LEU B 105 -0.41 -10.15 -0.89
CA LEU B 105 0.77 -10.57 -0.14
C LEU B 105 0.92 -12.07 -0.10
N LEU B 106 -0.20 -12.81 0.17
CA LEU B 106 -0.14 -14.26 0.20
C LEU B 106 0.22 -14.82 -1.17
N GLY B 107 -0.37 -14.26 -2.24
CA GLY B 107 -0.05 -14.71 -3.60
C GLY B 107 1.43 -14.60 -3.87
N ASN B 108 2.01 -13.48 -3.48
CA ASN B 108 3.44 -13.23 -3.68
C ASN B 108 4.33 -14.10 -2.77
N VAL B 109 3.91 -14.39 -1.53
CA VAL B 109 4.65 -15.31 -0.68
C VAL B 109 4.62 -16.71 -1.29
N LEU B 110 3.45 -17.13 -1.83
CA LEU B 110 3.41 -18.43 -2.51
C LEU B 110 4.44 -18.47 -3.65
N VAL B 111 4.55 -17.39 -4.45
CA VAL B 111 5.53 -17.34 -5.53
C VAL B 111 6.95 -17.46 -4.97
N CYS B 112 7.24 -16.78 -3.82
CA CYS B 112 8.56 -16.92 -3.18
C CYS B 112 8.80 -18.39 -2.79
N VAL B 113 7.76 -19.06 -2.23
CA VAL B 113 7.89 -20.46 -1.81
C VAL B 113 8.15 -21.35 -3.05
N LEU B 114 7.42 -21.10 -4.14
CA LEU B 114 7.66 -21.90 -5.36
C LEU B 114 9.10 -21.69 -5.85
N ALA B 115 9.62 -20.47 -5.79
CA ALA B 115 11.01 -20.20 -6.17
C ALA B 115 11.96 -20.93 -5.24
N HIS B 116 11.65 -20.90 -3.94
CA HIS B 116 12.47 -21.57 -2.92
C HIS B 116 12.56 -23.07 -3.14
N HIS B 117 11.43 -23.69 -3.52
CA HIS B 117 11.39 -25.13 -3.77
C HIS B 117 11.94 -25.55 -5.11
N PHE B 118 11.73 -24.73 -6.16
CA PHE B 118 12.12 -25.13 -7.51
C PHE B 118 13.45 -24.59 -8.00
N GLY B 119 13.99 -23.60 -7.31
CA GLY B 119 15.29 -23.02 -7.66
C GLY B 119 15.35 -22.51 -9.08
N LYS B 120 16.38 -22.92 -9.84
CA LYS B 120 16.58 -22.47 -11.20
C LYS B 120 15.45 -22.87 -12.16
N GLU B 121 14.64 -23.90 -11.83
CA GLU B 121 13.53 -24.27 -12.70
C GLU B 121 12.38 -23.25 -12.60
N PHE B 122 12.40 -22.38 -11.57
CA PHE B 122 11.39 -21.32 -11.42
C PHE B 122 11.93 -20.11 -12.18
N THR B 123 11.99 -20.25 -13.50
CA THR B 123 12.59 -19.25 -14.38
C THR B 123 11.77 -17.95 -14.41
N PRO B 124 12.39 -16.84 -14.88
CA PRO B 124 11.60 -15.59 -14.99
C PRO B 124 10.31 -15.77 -15.84
N PRO B 125 10.27 -16.46 -17.01
CA PRO B 125 8.98 -16.66 -17.70
C PRO B 125 7.97 -17.51 -16.93
N VAL B 126 8.45 -18.52 -16.16
CA VAL B 126 7.54 -19.36 -15.37
C VAL B 126 6.96 -18.47 -14.23
N GLN B 127 7.81 -17.66 -13.59
CA GLN B 127 7.32 -16.73 -12.59
C GLN B 127 6.27 -15.81 -13.17
N ALA B 128 6.53 -15.22 -14.36
CA ALA B 128 5.58 -14.28 -14.97
C ALA B 128 4.19 -14.92 -15.16
N ALA B 129 4.16 -16.22 -15.54
CA ALA B 129 2.89 -16.96 -15.72
C ALA B 129 2.24 -17.13 -14.34
N TYR B 130 3.01 -17.52 -13.30
CA TYR B 130 2.46 -17.64 -11.95
C TYR B 130 1.97 -16.31 -11.37
N GLN B 131 2.62 -15.20 -11.75
CA GLN B 131 2.17 -13.88 -11.27
C GLN B 131 0.79 -13.56 -11.86
N LYS B 132 0.52 -13.96 -13.10
CA LYS B 132 -0.81 -13.74 -13.65
C LYS B 132 -1.84 -14.56 -12.84
N VAL B 133 -1.50 -15.81 -12.51
CA VAL B 133 -2.42 -16.67 -11.75
C VAL B 133 -2.73 -16.10 -10.36
N VAL B 134 -1.69 -15.74 -9.59
CA VAL B 134 -1.91 -15.29 -8.21
C VAL B 134 -2.61 -13.92 -8.18
N ALA B 135 -2.36 -13.05 -9.20
CA ALA B 135 -3.06 -11.76 -9.27
C ALA B 135 -4.54 -12.03 -9.51
N GLY B 136 -4.83 -13.02 -10.36
CA GLY B 136 -6.20 -13.40 -10.68
C GLY B 136 -6.94 -13.93 -9.48
N VAL B 137 -6.27 -14.79 -8.70
CA VAL B 137 -6.86 -15.37 -7.48
C VAL B 137 -7.12 -14.25 -6.49
N ALA B 138 -6.13 -13.35 -6.27
CA ALA B 138 -6.31 -12.26 -5.31
C ALA B 138 -7.47 -11.35 -5.73
N ASN B 139 -7.55 -10.98 -7.03
CA ASN B 139 -8.63 -10.12 -7.52
C ASN B 139 -9.97 -10.82 -7.35
N ALA B 140 -10.01 -12.13 -7.59
CA ALA B 140 -11.28 -12.89 -7.50
C ALA B 140 -11.73 -13.00 -6.04
N LEU B 141 -10.77 -13.13 -5.12
CA LEU B 141 -11.09 -13.20 -3.71
CA LEU B 141 -11.04 -13.21 -3.69
C LEU B 141 -11.58 -11.88 -3.18
N ALA B 142 -11.14 -10.79 -3.81
CA ALA B 142 -11.53 -9.42 -3.45
C ALA B 142 -12.85 -9.00 -4.10
N HIS B 143 -13.43 -9.83 -4.99
CA HIS B 143 -14.68 -9.52 -5.69
C HIS B 143 -15.81 -8.95 -4.79
N LYS B 144 -16.06 -9.55 -3.60
CA LYS B 144 -17.13 -9.10 -2.71
C LYS B 144 -16.91 -7.74 -2.04
N TYR B 145 -15.77 -7.06 -2.28
CA TYR B 145 -15.58 -5.75 -1.69
C TYR B 145 -16.39 -4.68 -2.47
N HIS B 146 -17.46 -5.16 -3.13
CA HIS B 146 -18.51 -4.48 -3.89
C HIS B 146 -19.59 -5.49 -4.30
N VAL C 1 10.43 9.26 4.82
CA VAL C 1 11.55 10.09 5.29
C VAL C 1 11.07 11.52 5.18
N LEU C 2 11.11 12.24 6.29
CA LEU C 2 10.63 13.61 6.34
C LEU C 2 11.72 14.59 5.98
N SER C 3 11.36 15.63 5.24
CA SER C 3 12.33 16.68 4.92
C SER C 3 12.37 17.69 6.09
N PRO C 4 13.41 18.54 6.17
CA PRO C 4 13.40 19.62 7.18
C PRO C 4 12.15 20.50 7.08
N ALA C 5 11.69 20.84 5.85
CA ALA C 5 10.45 21.62 5.65
C ALA C 5 9.26 20.83 6.20
N ASP C 6 9.24 19.50 6.02
CA ASP C 6 8.12 18.71 6.57
C ASP C 6 8.02 18.86 8.06
N LYS C 7 9.15 18.72 8.75
CA LYS C 7 9.20 18.80 10.21
C LYS C 7 8.76 20.19 10.67
N THR C 8 9.26 21.26 10.03
CA THR C 8 8.79 22.61 10.31
C THR C 8 7.28 22.77 10.09
N ASN C 9 6.73 22.25 8.97
CA ASN C 9 5.30 22.36 8.68
C ASN C 9 4.45 21.65 9.72
N VAL C 10 4.89 20.45 10.14
CA VAL C 10 4.15 19.66 11.12
C VAL C 10 4.19 20.34 12.49
N LYS C 11 5.37 20.83 12.90
CA LYS C 11 5.50 21.53 14.19
C LYS C 11 4.62 22.78 14.18
N ALA C 12 4.59 23.53 13.07
CA ALA C 12 3.77 24.74 12.99
C ALA C 12 2.28 24.41 13.02
N ALA C 13 1.87 23.39 12.27
CA ALA C 13 0.47 22.96 12.22
C ALA C 13 0.01 22.41 13.57
N TRP C 14 0.74 21.44 14.19
CA TRP C 14 0.33 20.82 15.47
C TRP C 14 0.34 21.87 16.61
N GLY C 15 1.12 22.96 16.49
CA GLY C 15 1.14 24.06 17.46
C GLY C 15 -0.14 24.89 17.34
N LYS C 16 -0.68 25.00 16.10
CA LYS C 16 -1.94 25.67 15.84
C LYS C 16 -3.07 24.78 16.34
N VAL C 17 -2.92 23.45 16.21
CA VAL C 17 -3.89 22.47 16.74
C VAL C 17 -4.05 22.79 18.25
N GLY C 18 -2.90 22.94 18.93
CA GLY C 18 -2.82 23.35 20.34
C GLY C 18 -3.75 22.60 21.27
N ALA C 19 -4.56 23.36 22.02
CA ALA C 19 -5.51 22.84 23.01
C ALA C 19 -6.57 21.90 22.42
N HIS C 20 -6.83 21.99 21.12
CA HIS C 20 -7.86 21.16 20.48
C HIS C 20 -7.36 19.79 20.04
N ALA C 21 -6.06 19.46 20.25
CA ALA C 21 -5.49 18.17 19.87
C ALA C 21 -6.38 16.98 20.25
N GLY C 22 -6.76 16.91 21.52
CA GLY C 22 -7.62 15.85 22.03
C GLY C 22 -8.96 15.76 21.33
N GLU C 23 -9.60 16.91 21.11
CA GLU C 23 -10.90 16.98 20.44
C GLU C 23 -10.78 16.43 19.01
N TYR C 24 -9.68 16.79 18.29
CA TYR C 24 -9.44 16.36 16.91
C TYR C 24 -9.18 14.86 16.85
N GLY C 25 -8.48 14.35 17.87
CA GLY C 25 -8.21 12.92 18.00
C GLY C 25 -9.50 12.12 18.10
N ALA C 26 -10.45 12.55 19.00
CA ALA C 26 -11.77 11.91 19.18
C ALA C 26 -12.60 12.00 17.89
N GLU C 27 -12.59 13.19 17.20
CA GLU C 27 -13.33 13.31 15.95
C GLU C 27 -12.75 12.41 14.86
N ALA C 28 -11.43 12.31 14.78
CA ALA C 28 -10.80 11.44 13.79
C ALA C 28 -11.22 9.98 14.02
N LEU C 29 -11.27 9.54 15.29
CA LEU C 29 -11.73 8.18 15.61
C LEU C 29 -13.19 7.99 15.21
N GLU C 30 -14.07 8.97 15.54
CA GLU C 30 -15.48 8.88 15.17
C GLU C 30 -15.60 8.79 13.65
N ARG C 31 -14.85 9.64 12.93
CA ARG C 31 -14.89 9.60 11.45
C ARG C 31 -14.46 8.22 10.94
N MET C 32 -13.42 7.64 11.54
CA MET C 32 -12.91 6.32 11.13
C MET C 32 -13.96 5.22 11.37
N PHE C 33 -14.58 5.20 12.57
CA PHE C 33 -15.58 4.17 12.91
C PHE C 33 -16.80 4.24 12.01
N LEU C 34 -17.24 5.47 11.65
CA LEU C 34 -18.41 5.60 10.79
C LEU C 34 -18.08 5.30 9.33
N SER C 35 -16.93 5.83 8.83
CA SER C 35 -16.54 5.67 7.43
C SER C 35 -16.03 4.30 7.09
N PHE C 36 -15.36 3.63 8.05
CA PHE C 36 -14.69 2.33 7.79
C PHE C 36 -15.08 1.44 8.93
N PRO C 37 -16.32 0.90 8.89
CA PRO C 37 -16.83 0.16 10.06
C PRO C 37 -16.03 -1.07 10.48
N THR C 38 -15.21 -1.64 9.59
CA THR C 38 -14.38 -2.79 9.96
C THR C 38 -13.39 -2.41 11.08
N THR C 39 -13.03 -1.09 11.19
CA THR C 39 -12.09 -0.63 12.22
C THR C 39 -12.69 -0.82 13.62
N LYS C 40 -14.03 -0.90 13.72
CA LYS C 40 -14.68 -1.11 15.03
C LYS C 40 -14.30 -2.45 15.66
N THR C 41 -13.87 -3.42 14.83
CA THR C 41 -13.52 -4.78 15.32
C THR C 41 -12.33 -4.78 16.30
N TYR C 42 -11.54 -3.70 16.33
CA TYR C 42 -10.44 -3.57 17.27
C TYR C 42 -10.93 -3.04 18.62
N PHE C 43 -12.17 -2.52 18.68
CA PHE C 43 -12.69 -1.89 19.87
C PHE C 43 -14.03 -2.50 20.32
N PRO C 44 -14.13 -3.84 20.44
CA PRO C 44 -15.41 -4.44 20.85
C PRO C 44 -15.80 -4.03 22.27
N HIS C 45 -14.79 -3.68 23.09
CA HIS C 45 -14.96 -3.33 24.49
C HIS C 45 -15.30 -1.84 24.69
N PHE C 46 -15.44 -1.06 23.58
CA PHE C 46 -15.74 0.35 23.74
C PHE C 46 -17.19 0.64 23.50
N ASP C 47 -17.67 1.68 24.20
CA ASP C 47 -18.96 2.30 23.95
C ASP C 47 -18.59 3.23 22.77
N LEU C 48 -19.11 2.94 21.58
CA LEU C 48 -18.80 3.73 20.38
C LEU C 48 -19.90 4.68 19.93
N SER C 49 -20.93 4.88 20.78
CA SER C 49 -22.02 5.84 20.51
C SER C 49 -21.46 7.26 20.33
N HIS C 50 -22.21 8.14 19.65
CA HIS C 50 -21.76 9.52 19.46
C HIS C 50 -21.59 10.22 20.81
N GLY C 51 -20.45 10.92 20.96
CA GLY C 51 -20.13 11.65 22.17
C GLY C 51 -19.77 10.78 23.35
N SER C 52 -19.38 9.51 23.09
CA SER C 52 -19.00 8.57 24.12
C SER C 52 -17.78 9.11 24.86
N ALA C 53 -17.82 9.06 26.19
CA ALA C 53 -16.71 9.51 27.04
C ALA C 53 -15.48 8.65 26.76
N GLN C 54 -15.70 7.35 26.45
CA GLN C 54 -14.62 6.42 26.14
C GLN C 54 -13.87 6.84 24.88
N VAL C 55 -14.59 7.20 23.80
CA VAL C 55 -13.96 7.64 22.55
C VAL C 55 -13.23 8.99 22.79
N LYS C 56 -13.84 9.89 23.62
CA LYS C 56 -13.23 11.18 23.93
C LYS C 56 -11.92 10.97 24.69
N GLY C 57 -11.96 10.09 25.69
CA GLY C 57 -10.79 9.76 26.50
C GLY C 57 -9.71 9.16 25.63
N HIS C 58 -10.12 8.27 24.72
CA HIS C 58 -9.16 7.60 23.82
C HIS C 58 -8.55 8.59 22.81
N GLY C 59 -9.37 9.47 22.28
CA GLY C 59 -8.95 10.53 21.36
C GLY C 59 -7.87 11.40 21.98
N LYS C 60 -8.01 11.74 23.28
CA LYS C 60 -6.98 12.51 24.01
C LYS C 60 -5.65 11.73 24.08
N LYS C 61 -5.71 10.39 24.34
CA LYS C 61 -4.50 9.55 24.39
C LYS C 61 -3.81 9.48 23.02
N VAL C 62 -4.58 9.32 21.96
CA VAL C 62 -4.07 9.26 20.60
C VAL C 62 -3.41 10.60 20.26
N ALA C 63 -4.09 11.73 20.57
CA ALA C 63 -3.58 13.06 20.25
C ALA C 63 -2.30 13.34 21.04
N ASP C 64 -2.23 12.90 22.31
CA ASP C 64 -1.04 13.07 23.17
C ASP C 64 0.14 12.26 22.62
N ALA C 65 -0.12 11.07 22.08
CA ALA C 65 0.93 10.26 21.46
C ALA C 65 1.46 10.98 20.18
N LEU C 66 0.57 11.60 19.38
CA LEU C 66 1.01 12.34 18.19
C LEU C 66 1.80 13.57 18.61
N THR C 67 1.39 14.23 19.69
CA THR C 67 2.15 15.38 20.20
C THR C 67 3.54 14.92 20.61
N ASN C 68 3.62 13.76 21.26
CA ASN C 68 4.90 13.20 21.68
C ASN C 68 5.75 12.87 20.46
N ALA C 69 5.13 12.32 19.41
CA ALA C 69 5.78 12.02 18.13
C ALA C 69 6.36 13.31 17.51
N VAL C 70 5.58 14.42 17.48
CA VAL C 70 6.06 15.71 16.97
C VAL C 70 7.27 16.20 17.77
N ALA C 71 7.18 16.12 19.12
CA ALA C 71 8.25 16.58 20.02
C ALA C 71 9.55 15.77 19.87
N HIS C 72 9.42 14.53 19.38
CA HIS C 72 10.56 13.61 19.21
C HIS C 72 10.57 13.06 17.78
N VAL C 73 10.29 13.94 16.79
CA VAL C 73 10.12 13.53 15.40
C VAL C 73 11.38 12.80 14.84
N ASP C 74 12.59 13.10 15.35
CA ASP C 74 13.80 12.40 14.87
C ASP C 74 14.15 11.17 15.71
N ASP C 75 13.35 10.86 16.73
CA ASP C 75 13.62 9.70 17.58
C ASP C 75 12.32 8.94 17.85
N MET C 76 11.46 8.81 16.82
CA MET C 76 10.18 8.14 17.00
C MET C 76 10.29 6.67 17.39
N PRO C 77 11.23 5.86 16.87
CA PRO C 77 11.34 4.49 17.34
C PRO C 77 11.48 4.41 18.87
N ASN C 78 12.28 5.30 19.49
CA ASN C 78 12.38 5.25 20.95
C ASN C 78 11.18 5.87 21.64
N ALA C 79 10.76 7.07 21.18
CA ALA C 79 9.65 7.77 21.84
C ALA C 79 8.34 6.97 21.80
N LEU C 80 8.12 6.22 20.73
CA LEU C 80 6.89 5.43 20.55
C LEU C 80 7.07 3.92 20.79
N SER C 81 8.18 3.49 21.39
CA SER C 81 8.46 2.05 21.58
C SER C 81 7.35 1.29 22.30
N ALA C 82 6.76 1.86 23.39
CA ALA C 82 5.68 1.17 24.10
C ALA C 82 4.43 1.06 23.21
N LEU C 83 4.18 2.10 22.42
CA LEU C 83 3.03 2.08 21.50
C LEU C 83 3.20 1.13 20.32
N SER C 84 4.45 0.95 19.83
CA SER C 84 4.72 -0.04 18.79
C SER C 84 4.53 -1.43 19.38
N ASP C 85 5.00 -1.68 20.62
CA ASP C 85 4.75 -2.99 21.25
C ASP C 85 3.25 -3.26 21.34
N LEU C 86 2.45 -2.25 21.75
CA LEU C 86 1.02 -2.41 21.84
C LEU C 86 0.38 -2.70 20.46
N HIS C 87 0.65 -1.87 19.44
CA HIS C 87 -0.05 -2.02 18.17
C HIS C 87 0.46 -3.16 17.28
N ALA C 88 1.77 -3.34 17.27
CA ALA C 88 2.42 -4.34 16.39
C ALA C 88 2.49 -5.71 16.99
N HIS C 89 2.80 -5.81 18.30
CA HIS C 89 2.92 -7.11 18.95
CA HIS C 89 2.96 -7.10 18.99
C HIS C 89 1.66 -7.57 19.66
N LYS C 90 0.99 -6.69 20.43
CA LYS C 90 -0.20 -7.15 21.16
C LYS C 90 -1.45 -7.15 20.33
N LEU C 91 -1.82 -5.99 19.76
CA LEU C 91 -3.07 -5.87 19.01
C LEU C 91 -2.99 -6.39 17.60
N ARG C 92 -1.79 -6.39 17.00
CA ARG C 92 -1.60 -6.89 15.64
C ARG C 92 -2.48 -6.13 14.66
N VAL C 93 -2.51 -4.78 14.78
CA VAL C 93 -3.35 -3.96 13.90
C VAL C 93 -2.85 -4.04 12.45
N ASP C 94 -3.77 -4.38 11.50
CA ASP C 94 -3.39 -4.38 10.08
C ASP C 94 -3.01 -2.94 9.68
N PRO C 95 -1.89 -2.74 9.00
CA PRO C 95 -1.44 -1.38 8.63
C PRO C 95 -2.44 -0.58 7.82
N VAL C 96 -3.37 -1.24 7.11
CA VAL C 96 -4.38 -0.47 6.36
C VAL C 96 -5.15 0.43 7.31
N ASN C 97 -5.41 -0.04 8.55
CA ASN C 97 -6.19 0.78 9.49
C ASN C 97 -5.47 2.07 9.86
N PHE C 98 -4.12 2.09 9.83
CA PHE C 98 -3.39 3.31 10.12
C PHE C 98 -3.56 4.31 8.96
N LYS C 99 -3.69 3.81 7.70
CA LYS C 99 -3.96 4.71 6.57
C LYS C 99 -5.34 5.35 6.75
N LEU C 100 -6.31 4.54 7.22
CA LEU C 100 -7.67 5.00 7.49
C LEU C 100 -7.72 6.03 8.57
N LEU C 101 -7.07 5.79 9.72
CA LEU C 101 -7.09 6.80 10.79
C LEU C 101 -6.34 8.08 10.36
N SER C 102 -5.22 7.91 9.66
CA SER C 102 -4.40 9.03 9.18
C SER C 102 -5.22 9.92 8.27
N HIS C 103 -5.96 9.31 7.33
CA HIS C 103 -6.86 10.03 6.43
C HIS C 103 -7.92 10.79 7.25
N CYS C 104 -8.53 10.13 8.27
CA CYS C 104 -9.57 10.78 9.07
C CYS C 104 -9.03 11.94 9.89
N LEU C 105 -7.75 11.84 10.34
CA LEU C 105 -7.06 12.94 11.03
CA LEU C 105 -7.13 12.97 11.03
C LEU C 105 -6.90 14.11 10.04
N LEU C 106 -6.45 13.82 8.81
CA LEU C 106 -6.28 14.91 7.82
C LEU C 106 -7.60 15.58 7.51
N VAL C 107 -8.68 14.78 7.39
CA VAL C 107 -10.02 15.34 7.14
C VAL C 107 -10.43 16.28 8.29
N THR C 108 -10.19 15.85 9.54
CA THR C 108 -10.51 16.66 10.71
C THR C 108 -9.74 17.97 10.71
N LEU C 109 -8.44 17.91 10.37
CA LEU C 109 -7.61 19.11 10.36
C LEU C 109 -8.04 20.04 9.24
N ALA C 110 -8.40 19.49 8.08
CA ALA C 110 -8.87 20.31 6.94
C ALA C 110 -10.13 21.08 7.32
N ALA C 111 -11.07 20.36 7.98
CA ALA C 111 -12.37 20.94 8.39
C ALA C 111 -12.20 22.04 9.44
N HIS C 112 -11.28 21.84 10.41
CA HIS C 112 -11.13 22.76 11.56
C HIS C 112 -10.07 23.84 11.42
N LEU C 113 -9.01 23.56 10.69
CA LEU C 113 -7.93 24.51 10.53
C LEU C 113 -7.73 24.83 9.04
N PRO C 114 -8.74 25.42 8.35
CA PRO C 114 -8.60 25.64 6.90
C PRO C 114 -7.43 26.52 6.46
N ALA C 115 -7.14 27.58 7.22
CA ALA C 115 -6.04 28.49 6.88
C ALA C 115 -4.68 27.82 6.98
N GLU C 116 -4.53 26.86 7.91
CA GLU C 116 -3.27 26.14 8.14
C GLU C 116 -3.11 24.97 7.20
N PHE C 117 -4.22 24.42 6.68
CA PHE C 117 -4.19 23.21 5.87
C PHE C 117 -3.90 23.49 4.42
N THR C 118 -2.72 24.07 4.15
CA THR C 118 -2.31 24.38 2.79
C THR C 118 -1.86 23.07 2.10
N PRO C 119 -1.70 23.05 0.75
CA PRO C 119 -1.22 21.81 0.11
C PRO C 119 0.14 21.36 0.65
N ALA C 120 1.08 22.28 0.88
CA ALA C 120 2.39 21.89 1.44
C ALA C 120 2.25 21.27 2.84
N VAL C 121 1.42 21.87 3.68
CA VAL C 121 1.20 21.36 5.04
C VAL C 121 0.47 20.02 5.02
N HIS C 122 -0.51 19.86 4.13
CA HIS C 122 -1.25 18.61 3.96
C HIS C 122 -0.22 17.52 3.60
N ALA C 123 0.69 17.83 2.67
CA ALA C 123 1.72 16.87 2.23
C ALA C 123 2.62 16.49 3.40
N SER C 124 3.07 17.49 4.18
CA SER C 124 3.95 17.20 5.32
C SER C 124 3.26 16.37 6.39
N LEU C 125 2.00 16.70 6.70
CA LEU C 125 1.24 15.95 7.69
C LEU C 125 1.01 14.52 7.24
N ASP C 126 0.71 14.29 5.94
CA ASP C 126 0.50 12.94 5.42
C ASP C 126 1.78 12.12 5.58
N LYS C 127 2.94 12.73 5.27
CA LYS C 127 4.22 12.02 5.41
C LYS C 127 4.52 11.72 6.90
N PHE C 128 4.22 12.69 7.80
CA PHE C 128 4.47 12.51 9.23
C PHE C 128 3.61 11.33 9.76
N LEU C 129 2.31 11.30 9.42
CA LEU C 129 1.42 10.24 9.87
C LEU C 129 1.84 8.91 9.25
N ALA C 130 2.38 8.91 8.02
CA ALA C 130 2.86 7.65 7.43
C ALA C 130 4.07 7.14 8.23
N SER C 131 5.00 8.06 8.61
CA SER C 131 6.18 7.68 9.39
CA SER C 131 6.17 7.70 9.39
C SER C 131 5.77 7.15 10.78
N VAL C 132 4.82 7.83 11.46
CA VAL C 132 4.33 7.37 12.77
C VAL C 132 3.70 5.98 12.59
N SER C 133 2.91 5.80 11.51
CA SER C 133 2.23 4.52 11.22
C SER C 133 3.24 3.38 11.02
N THR C 134 4.38 3.67 10.35
CA THR C 134 5.41 2.66 10.13
C THR C 134 5.99 2.25 11.51
N VAL C 135 6.23 3.24 12.38
CA VAL C 135 6.81 2.91 13.69
C VAL C 135 5.84 2.02 14.50
N LEU C 136 4.55 2.43 14.57
CA LEU C 136 3.56 1.71 15.37
C LEU C 136 3.20 0.32 14.84
N THR C 137 3.42 0.07 13.51
CA THR C 137 3.11 -1.23 12.91
C THR C 137 4.31 -2.12 12.71
N SER C 138 5.53 -1.68 13.13
CA SER C 138 6.76 -2.47 12.99
C SER C 138 7.15 -3.09 14.34
N LYS C 139 7.70 -4.31 14.29
CA LYS C 139 8.22 -4.99 15.48
C LYS C 139 9.70 -4.79 15.40
N TYR C 140 10.23 -3.93 16.28
CA TYR C 140 11.64 -3.60 16.19
C TYR C 140 12.36 -3.74 17.51
N ARG C 141 11.71 -4.31 18.51
CA ARG C 141 12.44 -4.50 19.76
C ARG C 141 13.26 -5.79 19.78
N VAL D 1 -22.97 1.05 -5.57
CA VAL D 1 -22.74 1.57 -4.21
C VAL D 1 -24.05 1.59 -3.44
N HIS D 2 -24.00 1.02 -2.22
CA HIS D 2 -25.13 0.91 -1.30
C HIS D 2 -25.16 2.08 -0.31
N LEU D 3 -25.94 3.12 -0.60
CA LEU D 3 -26.11 4.29 0.27
C LEU D 3 -27.51 4.26 0.87
N THR D 4 -27.64 4.60 2.16
CA THR D 4 -28.97 4.70 2.78
C THR D 4 -29.67 5.95 2.18
N PRO D 5 -31.02 6.03 2.24
CA PRO D 5 -31.72 7.23 1.69
C PRO D 5 -31.21 8.55 2.28
N GLU D 6 -30.95 8.58 3.61
CA GLU D 6 -30.43 9.77 4.29
C GLU D 6 -29.03 10.14 3.82
N GLU D 7 -28.19 9.12 3.52
CA GLU D 7 -26.84 9.36 3.02
C GLU D 7 -26.92 9.87 1.59
N LYS D 8 -27.81 9.29 0.77
CA LYS D 8 -27.98 9.74 -0.61
C LYS D 8 -28.41 11.22 -0.67
N SER D 9 -29.35 11.62 0.22
CA SER D 9 -29.84 13.00 0.29
CA SER D 9 -29.84 13.00 0.29
C SER D 9 -28.73 13.96 0.72
N ALA D 10 -27.93 13.57 1.74
CA ALA D 10 -26.81 14.38 2.26
C ALA D 10 -25.73 14.59 1.22
N VAL D 11 -25.38 13.51 0.49
CA VAL D 11 -24.37 13.55 -0.55
C VAL D 11 -24.83 14.49 -1.67
N THR D 12 -26.05 14.28 -2.20
CA THR D 12 -26.60 15.10 -3.27
C THR D 12 -26.66 16.59 -2.90
N ALA D 13 -27.12 16.89 -1.67
CA ALA D 13 -27.27 18.27 -1.19
C ALA D 13 -25.91 18.96 -1.07
N LEU D 14 -24.87 18.26 -0.56
CA LEU D 14 -23.53 18.86 -0.44
C LEU D 14 -22.93 19.09 -1.82
N TRP D 15 -23.09 18.12 -2.72
CA TRP D 15 -22.53 18.17 -4.06
C TRP D 15 -23.06 19.35 -4.84
N GLY D 16 -24.33 19.69 -4.63
CA GLY D 16 -24.95 20.84 -5.27
C GLY D 16 -24.31 22.16 -4.87
N LYS D 17 -23.61 22.21 -3.71
CA LYS D 17 -22.98 23.43 -3.21
C LYS D 17 -21.50 23.54 -3.57
N VAL D 18 -20.92 22.51 -4.19
CA VAL D 18 -19.51 22.45 -4.58
C VAL D 18 -19.17 23.52 -5.62
N ASN D 19 -18.05 24.24 -5.39
CA ASN D 19 -17.58 25.24 -6.36
C ASN D 19 -16.86 24.43 -7.44
N VAL D 20 -17.53 24.28 -8.59
CA VAL D 20 -17.08 23.49 -9.73
C VAL D 20 -15.85 24.03 -10.42
N ASP D 21 -15.54 25.30 -10.19
CA ASP D 21 -14.36 25.90 -10.80
C ASP D 21 -13.11 25.66 -10.00
N GLU D 22 -13.27 25.36 -8.69
CA GLU D 22 -12.16 25.24 -7.75
C GLU D 22 -11.87 23.83 -7.22
N VAL D 23 -12.91 23.10 -6.78
CA VAL D 23 -12.73 21.83 -6.06
C VAL D 23 -11.96 20.77 -6.84
N GLY D 24 -12.28 20.56 -8.12
CA GLY D 24 -11.57 19.55 -8.92
C GLY D 24 -10.10 19.88 -9.08
N GLY D 25 -9.81 21.15 -9.35
CA GLY D 25 -8.44 21.63 -9.47
C GLY D 25 -7.67 21.52 -8.17
N GLU D 26 -8.35 21.80 -7.05
CA GLU D 26 -7.70 21.64 -5.74
C GLU D 26 -7.43 20.18 -5.42
N ALA D 27 -8.36 19.28 -5.77
CA ALA D 27 -8.15 17.86 -5.54
C ALA D 27 -7.01 17.32 -6.39
N LEU D 28 -7.01 17.63 -7.70
CA LEU D 28 -5.91 17.15 -8.55
C LEU D 28 -4.58 17.80 -8.13
N GLY D 29 -4.60 19.10 -7.83
CA GLY D 29 -3.39 19.77 -7.37
C GLY D 29 -2.82 19.13 -6.12
N ARG D 30 -3.69 18.89 -5.13
CA ARG D 30 -3.25 18.26 -3.89
C ARG D 30 -2.72 16.86 -4.15
N LEU D 31 -3.34 16.09 -5.06
CA LEU D 31 -2.77 14.77 -5.41
C LEU D 31 -1.34 14.93 -5.90
N LEU D 32 -1.11 15.93 -6.78
CA LEU D 32 0.23 16.15 -7.35
C LEU D 32 1.25 16.61 -6.31
N VAL D 33 0.79 17.32 -5.26
CA VAL D 33 1.69 17.82 -4.21
C VAL D 33 1.95 16.75 -3.11
N VAL D 34 0.89 16.08 -2.69
CA VAL D 34 0.95 15.10 -1.61
C VAL D 34 1.58 13.80 -2.08
N TYR D 35 1.31 13.35 -3.33
CA TYR D 35 1.84 12.08 -3.88
C TYR D 35 2.61 12.45 -5.14
N PRO D 36 3.81 13.00 -4.98
CA PRO D 36 4.51 13.63 -6.12
C PRO D 36 4.83 12.76 -7.31
N TRP D 37 4.85 11.42 -7.17
CA TRP D 37 5.10 10.55 -8.31
C TRP D 37 3.97 10.66 -9.35
N THR D 38 2.76 11.12 -8.93
CA THR D 38 1.62 11.27 -9.86
C THR D 38 1.94 12.31 -10.91
N GLN D 39 2.88 13.23 -10.64
CA GLN D 39 3.29 14.25 -11.64
C GLN D 39 3.88 13.64 -12.90
N ARG D 40 4.41 12.42 -12.81
CA ARG D 40 4.98 11.74 -13.98
C ARG D 40 3.94 11.61 -15.12
N PHE D 41 2.65 11.49 -14.78
CA PHE D 41 1.59 11.33 -15.77
C PHE D 41 1.15 12.64 -16.43
N PHE D 42 1.64 13.76 -15.93
CA PHE D 42 1.21 15.09 -16.37
C PHE D 42 2.35 15.99 -16.86
N GLU D 43 3.35 15.41 -17.56
CA GLU D 43 4.49 16.18 -18.08
C GLU D 43 4.06 17.29 -19.05
N SER D 44 2.94 17.10 -19.76
CA SER D 44 2.42 18.09 -20.71
C SER D 44 1.85 19.34 -20.03
N PHE D 45 1.72 19.33 -18.69
CA PHE D 45 1.19 20.46 -17.94
C PHE D 45 2.24 21.54 -17.65
N GLY D 46 3.49 21.20 -17.92
CA GLY D 46 4.59 22.12 -17.66
C GLY D 46 4.95 22.18 -16.21
N ASP D 47 5.26 23.38 -15.73
CA ASP D 47 5.73 23.62 -14.36
C ASP D 47 4.79 23.10 -13.26
N LEU D 48 5.28 22.09 -12.52
CA LEU D 48 4.59 21.48 -11.38
C LEU D 48 5.64 21.34 -10.26
N SER D 49 6.70 22.16 -10.31
CA SER D 49 7.85 22.07 -9.43
C SER D 49 7.65 22.54 -7.97
N THR D 50 6.62 23.36 -7.70
CA THR D 50 6.35 23.82 -6.34
C THR D 50 4.85 23.70 -6.07
N PRO D 51 4.39 23.64 -4.79
CA PRO D 51 2.95 23.64 -4.54
C PRO D 51 2.22 24.83 -5.20
N ASP D 52 2.80 26.05 -5.12
CA ASP D 52 2.20 27.22 -5.73
C ASP D 52 2.11 27.10 -7.25
N ALA D 53 3.16 26.55 -7.89
CA ALA D 53 3.16 26.31 -9.34
C ALA D 53 2.05 25.30 -9.72
N VAL D 54 1.87 24.24 -8.90
CA VAL D 54 0.84 23.24 -9.17
C VAL D 54 -0.54 23.88 -9.04
N MET D 55 -0.78 24.55 -7.89
CA MET D 55 -2.11 25.06 -7.61
C MET D 55 -2.56 26.15 -8.57
N GLY D 56 -1.62 26.96 -9.08
CA GLY D 56 -1.94 28.02 -10.04
C GLY D 56 -1.85 27.61 -11.50
N ASN D 57 -1.58 26.30 -11.75
CA ASN D 57 -1.42 25.81 -13.12
C ASN D 57 -2.81 25.68 -13.81
N PRO D 58 -3.06 26.42 -14.92
CA PRO D 58 -4.41 26.34 -15.54
C PRO D 58 -4.74 24.96 -16.11
N LYS D 59 -3.72 24.14 -16.43
CA LYS D 59 -4.01 22.79 -16.94
C LYS D 59 -4.50 21.91 -15.79
N VAL D 60 -3.95 22.09 -14.58
CA VAL D 60 -4.38 21.36 -13.38
C VAL D 60 -5.81 21.76 -13.08
N LYS D 61 -6.12 23.07 -13.16
CA LYS D 61 -7.47 23.56 -12.87
C LYS D 61 -8.47 22.98 -13.87
N ALA D 62 -8.13 23.01 -15.19
CA ALA D 62 -9.03 22.51 -16.22
C ALA D 62 -9.18 21.01 -16.16
N HIS D 63 -8.07 20.28 -15.99
CA HIS D 63 -8.14 18.82 -15.87
C HIS D 63 -8.89 18.40 -14.61
N GLY D 64 -8.68 19.14 -13.52
CA GLY D 64 -9.37 18.87 -12.26
C GLY D 64 -10.88 18.97 -12.41
N LYS D 65 -11.34 19.93 -13.26
CA LYS D 65 -12.76 20.09 -13.52
C LYS D 65 -13.32 18.87 -14.27
N LYS D 66 -12.54 18.27 -15.19
CA LYS D 66 -12.94 17.07 -15.93
C LYS D 66 -13.07 15.88 -14.96
N VAL D 67 -12.11 15.75 -14.01
CA VAL D 67 -12.11 14.71 -12.99
C VAL D 67 -13.35 14.88 -12.13
N LEU D 68 -13.64 16.13 -11.73
CA LEU D 68 -14.81 16.42 -10.90
C LEU D 68 -16.12 16.05 -11.63
N GLY D 69 -16.15 16.27 -12.95
CA GLY D 69 -17.26 15.88 -13.81
C GLY D 69 -17.48 14.37 -13.80
N ALA D 70 -16.36 13.58 -13.78
CA ALA D 70 -16.44 12.13 -13.74
C ALA D 70 -16.97 11.66 -12.37
N PHE D 71 -16.55 12.28 -11.24
CA PHE D 71 -17.11 11.93 -9.93
C PHE D 71 -18.60 12.26 -9.93
N SER D 72 -19.01 13.43 -10.55
CA SER D 72 -20.42 13.84 -10.66
CA SER D 72 -20.42 13.82 -10.63
C SER D 72 -21.21 12.77 -11.40
N ASP D 73 -20.63 12.23 -12.50
CA ASP D 73 -21.25 11.17 -13.32
C ASP D 73 -21.45 9.92 -12.45
N GLY D 74 -20.50 9.64 -11.55
CA GLY D 74 -20.57 8.52 -10.62
C GLY D 74 -21.73 8.65 -9.67
N LEU D 75 -21.89 9.84 -9.08
CA LEU D 75 -23.00 10.15 -8.16
C LEU D 75 -24.37 10.03 -8.84
N ALA D 76 -24.43 10.27 -10.17
CA ALA D 76 -25.68 10.16 -10.93
C ALA D 76 -26.01 8.72 -11.33
N HIS D 77 -25.01 7.80 -11.26
CA HIS D 77 -25.16 6.39 -11.64
C HIS D 77 -24.55 5.46 -10.60
N LEU D 78 -24.89 5.65 -9.31
CA LEU D 78 -24.32 4.82 -8.24
C LEU D 78 -24.64 3.33 -8.36
N ASP D 79 -25.74 2.99 -9.08
CA ASP D 79 -26.18 1.62 -9.33
C ASP D 79 -25.45 0.97 -10.52
N ASN D 80 -24.71 1.76 -11.33
CA ASN D 80 -23.98 1.22 -12.47
C ASN D 80 -22.65 1.95 -12.67
N LEU D 81 -21.79 1.87 -11.65
CA LEU D 81 -20.48 2.50 -11.71
C LEU D 81 -19.53 1.83 -12.71
N LYS D 82 -19.58 0.49 -12.82
CA LYS D 82 -18.72 -0.25 -13.76
C LYS D 82 -18.96 0.16 -15.19
N GLY D 83 -20.24 0.20 -15.61
CA GLY D 83 -20.63 0.63 -16.95
C GLY D 83 -20.27 2.07 -17.24
N THR D 84 -20.54 2.98 -16.28
CA THR D 84 -20.26 4.41 -16.35
C THR D 84 -18.78 4.71 -16.58
N PHE D 85 -17.91 4.00 -15.84
CA PHE D 85 -16.47 4.22 -15.88
C PHE D 85 -15.70 3.25 -16.78
N ALA D 86 -16.41 2.43 -17.56
CA ALA D 86 -15.82 1.44 -18.47
C ALA D 86 -14.77 1.98 -19.42
N THR D 87 -15.07 3.07 -20.18
CA THR D 87 -14.08 3.60 -21.14
C THR D 87 -12.94 4.31 -20.42
N LEU D 88 -13.24 4.97 -19.29
CA LEU D 88 -12.21 5.66 -18.49
C LEU D 88 -11.27 4.63 -17.86
N SER D 89 -11.81 3.47 -17.48
CA SER D 89 -11.00 2.39 -16.90
C SER D 89 -10.04 1.87 -17.98
N GLU D 90 -10.53 1.71 -19.21
CA GLU D 90 -9.68 1.31 -20.35
C GLU D 90 -8.57 2.31 -20.60
N LEU D 91 -8.88 3.63 -20.53
CA LEU D 91 -7.89 4.69 -20.74
C LEU D 91 -6.80 4.63 -19.67
N HIS D 92 -7.19 4.62 -18.39
CA HIS D 92 -6.20 4.60 -17.30
C HIS D 92 -5.42 3.30 -17.15
N CYS D 93 -6.13 2.18 -17.27
CA CYS D 93 -5.54 0.86 -17.08
C CYS D 93 -4.71 0.40 -18.30
N ASP D 94 -5.29 0.39 -19.52
CA ASP D 94 -4.57 -0.09 -20.72
C ASP D 94 -3.68 0.92 -21.41
N LYS D 95 -4.08 2.21 -21.45
CA LYS D 95 -3.28 3.23 -22.15
C LYS D 95 -2.30 3.99 -21.27
N LEU D 96 -2.73 4.42 -20.07
CA LEU D 96 -1.87 5.22 -19.18
C LEU D 96 -1.05 4.41 -18.17
N HIS D 97 -1.48 3.16 -17.85
CA HIS D 97 -0.88 2.25 -16.87
C HIS D 97 -0.82 2.85 -15.45
N VAL D 98 -1.87 3.59 -15.05
CA VAL D 98 -1.93 4.20 -13.73
C VAL D 98 -2.16 3.10 -12.69
N ASP D 99 -1.27 2.96 -11.71
CA ASP D 99 -1.54 1.91 -10.71
C ASP D 99 -2.83 2.24 -9.95
N PRO D 100 -3.75 1.26 -9.77
CA PRO D 100 -5.05 1.57 -9.13
C PRO D 100 -5.01 2.12 -7.71
N GLU D 101 -3.92 1.91 -6.94
CA GLU D 101 -3.85 2.53 -5.62
C GLU D 101 -3.98 4.07 -5.76
N ASN D 102 -3.52 4.64 -6.89
CA ASN D 102 -3.60 6.08 -7.08
C ASN D 102 -5.03 6.60 -7.20
N PHE D 103 -5.97 5.71 -7.61
CA PHE D 103 -7.38 6.08 -7.72
C PHE D 103 -7.95 6.25 -6.32
N ARG D 104 -7.56 5.37 -5.37
CA ARG D 104 -7.98 5.47 -3.98
C ARG D 104 -7.41 6.79 -3.39
N LEU D 105 -6.14 7.10 -3.71
CA LEU D 105 -5.52 8.32 -3.18
C LEU D 105 -6.25 9.57 -3.63
N LEU D 106 -6.61 9.64 -4.93
CA LEU D 106 -7.34 10.81 -5.43
C LEU D 106 -8.72 10.92 -4.77
N GLY D 107 -9.42 9.79 -4.60
CA GLY D 107 -10.72 9.80 -3.93
C GLY D 107 -10.60 10.38 -2.54
N ASN D 108 -9.57 9.96 -1.80
CA ASN D 108 -9.36 10.46 -0.45
C ASN D 108 -8.90 11.95 -0.41
N VAL D 109 -8.11 12.39 -1.39
CA VAL D 109 -7.75 13.82 -1.47
C VAL D 109 -9.01 14.64 -1.76
N LEU D 110 -9.90 14.14 -2.65
CA LEU D 110 -11.16 14.84 -2.88
C LEU D 110 -11.94 15.01 -1.57
N VAL D 111 -12.01 13.93 -0.73
CA VAL D 111 -12.69 14.02 0.56
C VAL D 111 -12.03 15.09 1.43
N CYS D 112 -10.69 15.15 1.45
CA CYS D 112 -10.00 16.20 2.22
C CYS D 112 -10.41 17.59 1.71
N VAL D 113 -10.47 17.76 0.36
CA VAL D 113 -10.84 19.06 -0.24
C VAL D 113 -12.29 19.42 0.14
N LEU D 114 -13.19 18.45 0.10
CA LEU D 114 -14.59 18.72 0.53
C LEU D 114 -14.62 19.16 2.00
N ALA D 115 -13.82 18.51 2.87
CA ALA D 115 -13.74 18.90 4.28
C ALA D 115 -13.15 20.32 4.39
N HIS D 116 -12.14 20.63 3.59
CA HIS D 116 -11.49 21.94 3.58
C HIS D 116 -12.46 23.05 3.18
N HIS D 117 -13.32 22.79 2.21
CA HIS D 117 -14.29 23.76 1.73
C HIS D 117 -15.52 23.90 2.62
N PHE D 118 -15.99 22.79 3.20
CA PHE D 118 -17.23 22.80 3.97
C PHE D 118 -17.04 22.91 5.49
N GLY D 119 -15.84 22.71 5.98
CA GLY D 119 -15.53 22.81 7.41
C GLY D 119 -16.34 21.86 8.25
N LYS D 120 -16.90 22.36 9.36
CA LYS D 120 -17.70 21.55 10.26
C LYS D 120 -18.97 20.97 9.64
N GLU D 121 -19.46 21.53 8.49
CA GLU D 121 -20.64 20.97 7.79
C GLU D 121 -20.29 19.63 7.10
N PHE D 122 -18.96 19.31 6.96
CA PHE D 122 -18.55 18.03 6.41
C PHE D 122 -18.45 17.07 7.60
N THR D 123 -19.61 16.74 8.14
CA THR D 123 -19.73 15.95 9.36
C THR D 123 -19.24 14.50 9.18
N PRO D 124 -18.92 13.80 10.29
CA PRO D 124 -18.53 12.38 10.16
C PRO D 124 -19.56 11.55 9.36
N PRO D 125 -20.92 11.64 9.56
CA PRO D 125 -21.82 10.86 8.69
C PRO D 125 -21.80 11.27 7.21
N VAL D 126 -21.60 12.58 6.91
CA VAL D 126 -21.52 13.03 5.52
C VAL D 126 -20.24 12.42 4.90
N GLN D 127 -19.13 12.49 5.65
CA GLN D 127 -17.89 11.88 5.17
C GLN D 127 -18.09 10.40 4.90
N ALA D 128 -18.73 9.66 5.82
CA ALA D 128 -18.93 8.21 5.66
C ALA D 128 -19.65 7.89 4.34
N ALA D 129 -20.65 8.70 4.00
CA ALA D 129 -21.40 8.53 2.75
C ALA D 129 -20.46 8.81 1.55
N TYR D 130 -19.65 9.89 1.62
CA TYR D 130 -18.71 10.19 0.54
C TYR D 130 -17.62 9.13 0.39
N GLN D 131 -17.24 8.47 1.50
CA GLN D 131 -16.23 7.42 1.43
C GLN D 131 -16.79 6.24 0.62
N LYS D 132 -18.10 5.96 0.75
CA LYS D 132 -18.69 4.87 -0.04
C LYS D 132 -18.65 5.24 -1.53
N VAL D 133 -18.92 6.50 -1.85
CA VAL D 133 -18.91 6.97 -3.24
C VAL D 133 -17.52 6.88 -3.87
N VAL D 134 -16.50 7.43 -3.18
CA VAL D 134 -15.17 7.47 -3.78
C VAL D 134 -14.55 6.07 -3.88
N ALA D 135 -14.90 5.14 -2.94
CA ALA D 135 -14.43 3.75 -3.02
C ALA D 135 -15.04 3.11 -4.26
N GLY D 136 -16.32 3.40 -4.51
CA GLY D 136 -17.04 2.88 -5.67
C GLY D 136 -16.45 3.35 -6.98
N VAL D 137 -16.12 4.66 -7.06
CA VAL D 137 -15.51 5.25 -8.26
C VAL D 137 -14.14 4.62 -8.49
N ALA D 138 -13.30 4.56 -7.43
CA ALA D 138 -11.98 3.94 -7.51
C ALA D 138 -12.04 2.49 -7.99
N ASN D 139 -12.98 1.68 -7.44
CA ASN D 139 -13.12 0.29 -7.85
C ASN D 139 -13.60 0.16 -9.28
N ALA D 140 -14.55 1.04 -9.72
CA ALA D 140 -15.03 1.03 -11.11
C ALA D 140 -13.88 1.41 -12.07
N LEU D 141 -13.02 2.36 -11.68
CA LEU D 141 -11.90 2.76 -12.54
CA LEU D 141 -11.88 2.78 -12.50
C LEU D 141 -10.84 1.67 -12.65
N ALA D 142 -10.75 0.80 -11.65
CA ALA D 142 -9.79 -0.29 -11.64
C ALA D 142 -10.34 -1.60 -12.22
N HIS D 143 -11.65 -1.63 -12.55
CA HIS D 143 -12.30 -2.84 -13.02
C HIS D 143 -11.67 -3.44 -14.31
N LYS D 144 -11.14 -2.61 -15.24
CA LYS D 144 -10.58 -3.14 -16.49
C LYS D 144 -9.15 -3.73 -16.37
N TYR D 145 -8.64 -3.96 -15.15
CA TYR D 145 -7.33 -4.61 -15.03
C TYR D 145 -7.44 -6.11 -15.34
N HIS D 146 -8.52 -6.75 -14.82
CA HIS D 146 -8.96 -8.15 -15.00
C HIS D 146 -10.08 -8.52 -14.04
CHA HEM E . 18.89 3.96 -11.83
CHB HEM E . 19.18 1.62 -7.65
CHC HEM E . 14.46 0.68 -7.91
CHD HEM E . 14.19 2.77 -12.21
C1A HEM E . 19.39 3.40 -10.67
C2A HEM E . 20.78 3.44 -10.25
C3A HEM E . 20.85 2.76 -9.08
C4A HEM E . 19.54 2.31 -8.80
CMA HEM E . 22.08 2.53 -8.27
CAA HEM E . 21.98 4.04 -11.04
CBA HEM E . 22.27 5.41 -10.48
CGA HEM E . 23.49 6.02 -11.20
O1A HEM E . 24.24 5.37 -11.93
O2A HEM E . 23.72 7.33 -10.98
C1B HEM E . 17.88 1.17 -7.35
C2B HEM E . 17.56 0.48 -6.14
C3B HEM E . 16.26 0.17 -6.22
C4B HEM E . 15.80 0.73 -7.51
CMB HEM E . 18.59 0.18 -5.04
CAB HEM E . 15.36 -0.52 -5.32
CBB HEM E . 15.82 -1.30 -4.34
C1C HEM E . 13.99 1.17 -9.09
C2C HEM E . 12.65 0.87 -9.60
C3C HEM E . 12.61 1.48 -10.82
C4C HEM E . 13.88 2.07 -11.06
CMC HEM E . 11.52 0.13 -8.84
CAC HEM E . 11.48 1.51 -11.73
CBC HEM E . 10.68 0.46 -11.92
C1D HEM E . 15.48 3.31 -12.43
C2D HEM E . 15.85 4.01 -13.68
C3D HEM E . 17.11 4.39 -13.55
C4D HEM E . 17.59 3.86 -12.25
CMD HEM E . 14.87 4.32 -14.82
CAD HEM E . 18.00 5.10 -14.54
CBD HEM E . 18.63 3.99 -15.39
CGD HEM E . 19.67 4.60 -16.33
O1D HEM E . 20.84 4.24 -16.29
O2D HEM E . 19.33 5.48 -17.18
NA HEM E . 18.60 2.71 -9.78
NB HEM E . 16.79 1.33 -8.13
NC HEM E . 14.76 1.84 -10.00
ND HEM E . 16.56 3.23 -11.61
FE HEM E . 16.65 2.37 -9.82
C CMO F . 16.36 -0.13 -11.23
O CMO F . 17.08 0.63 -10.76
CAA O4B G . 27.49 -6.43 13.71
OAM O4B G . 26.69 -5.63 14.59
CAC O4B G . 25.43 -5.27 14.04
CAD O4B G . 24.94 -3.98 14.62
OAO O4B G . 24.08 -3.34 13.66
CAG O4B G . 24.37 -1.98 13.49
CAH O4B G . 23.88 -1.49 12.17
OAQ O4B G . 24.96 -1.38 11.24
CAK O4B G . 25.02 -0.14 10.58
CAL O4B G . 26.17 -0.11 9.63
OAR O4B G . 26.36 -1.34 8.94
CAJ O4B G . 27.41 -2.10 9.49
CAI O4B G . 28.06 -2.97 8.48
OAP O4B G . 29.08 -3.71 9.14
CAF O4B G . 28.55 -4.83 9.83
CAE O4B G . 29.51 -5.48 10.76
OAN O4B G . 28.79 -6.33 11.66
CAB O4B G . 28.08 -5.58 12.64
CAA O4B H . 8.78 -8.95 -22.87
OAM O4B H . 7.66 -8.56 -22.08
CAC O4B H . 6.43 -8.94 -22.66
CAD O4B H . 5.29 -8.16 -22.10
OAO O4B H . 5.47 -6.77 -22.36
CAG O4B H . 4.32 -6.13 -22.86
CAH O4B H . 4.66 -5.34 -24.08
OAQ O4B H . 5.71 -4.42 -23.79
CAK O4B H . 5.59 -3.19 -24.47
CAL O4B H . 6.86 -2.41 -24.37
OAR O4B H . 7.83 -2.94 -25.26
CAJ O4B H . 9.06 -3.21 -24.63
CAI O4B H . 9.91 -4.09 -25.49
OAP O4B H . 11.02 -4.55 -24.76
CAF O4B H . 11.18 -5.97 -24.84
CAE O4B H . 11.26 -6.56 -23.47
OAN O4B H . 10.84 -7.92 -23.50
CAB O4B H . 10.01 -8.26 -22.40
CHA HEM I . -10.01 -19.83 5.40
CHB HEM I . -8.13 -19.73 1.01
CHC HEM I . -5.95 -15.49 2.03
CHD HEM I . -7.55 -15.86 6.54
C1A HEM I . -9.63 -20.18 4.13
C2A HEM I . -10.09 -21.38 3.46
C3A HEM I . -9.50 -21.37 2.27
C4A HEM I . -8.77 -20.14 2.15
CMA HEM I . -9.63 -22.39 1.13
CAA HEM I . -10.93 -22.51 4.06
CBA HEM I . -12.39 -22.26 3.86
CGA HEM I . -13.26 -23.26 4.58
O1A HEM I . -12.82 -24.21 5.21
O2A HEM I . -14.56 -23.06 4.52
C1B HEM I . -7.43 -18.49 0.87
C2B HEM I . -6.82 -18.09 -0.36
C3B HEM I . -6.19 -16.92 -0.11
C4B HEM I . -6.47 -16.63 1.35
CMB HEM I . -6.83 -18.87 -1.67
CAB HEM I . -5.36 -16.16 -1.04
CBB HEM I . -5.19 -14.86 -1.08
C1C HEM I . -6.19 -15.25 3.39
C2C HEM I . -5.55 -14.20 4.11
C3C HEM I . -6.02 -14.26 5.41
C4C HEM I . -6.93 -15.43 5.42
CMC HEM I . -4.55 -13.16 3.55
CAC HEM I . -5.69 -13.44 6.59
CBC HEM I . -4.67 -12.55 6.55
C1D HEM I . -8.38 -16.96 6.58
C2D HEM I . -9.11 -17.36 7.80
C3D HEM I . -9.87 -18.39 7.47
C4D HEM I . -9.55 -18.68 6.06
CMD HEM I . -9.05 -16.71 9.16
CAD HEM I . -10.80 -19.21 8.39
CBD HEM I . -9.87 -20.18 9.12
CGD HEM I . -10.57 -20.95 10.20
O1D HEM I . -11.48 -21.70 9.92
O2D HEM I . -10.19 -20.76 11.49
NA HEM I . -8.84 -19.41 3.33
NB HEM I . -7.23 -17.60 1.89
NC HEM I . -6.97 -16.01 4.21
ND HEM I . -8.66 -17.79 5.53
FE HEM I . -7.97 -17.67 3.72
C CMO J . -5.40 -18.35 4.92
O CMO J . -6.31 -18.66 4.30
CAA O4B K . -2.95 -31.08 15.61
OAM O4B K . -4.15 -31.00 16.39
CAC O4B K . -3.91 -30.62 17.73
CAD O4B K . -5.18 -30.50 18.50
OAO O4B K . -6.05 -29.56 17.89
CAG O4B K . -7.25 -29.33 18.60
CAH O4B K . -8.09 -28.32 17.88
OAQ O4B K . -8.56 -28.86 16.66
CAK O4B K . -9.36 -27.96 15.92
CAL O4B K . -9.68 -28.54 14.57
OAR O4B K . -8.49 -28.55 13.78
CAJ O4B K . -8.76 -28.94 12.43
CAI O4B K . -7.48 -28.99 11.68
OAP O4B K . -6.64 -29.99 12.22
CAF O4B K . -5.39 -30.10 11.57
CAE O4B K . -4.49 -31.06 12.26
OAN O4B K . -4.12 -30.61 13.57
CAB O4B K . -3.25 -31.52 14.21
CAA O4B L . 10.79 -28.82 -11.92
OAM O4B L . 11.60 -29.97 -12.10
CAC O4B L . 12.14 -30.46 -10.88
CAD O4B L . 12.83 -31.77 -11.08
OAO O4B L . 11.89 -32.78 -11.43
CAG O4B L . 12.51 -34.03 -11.72
CAH O4B L . 11.52 -34.99 -12.30
OAQ O4B L . 11.11 -34.58 -13.59
CAK O4B L . 10.25 -35.53 -14.23
CAL O4B L . 9.73 -34.99 -15.52
OAR O4B L . 8.68 -34.06 -15.30
CAJ O4B L . 8.18 -33.49 -16.50
CAI O4B L . 7.74 -32.08 -16.27
OAP O4B L . 8.83 -31.30 -15.82
CAF O4B L . 8.66 -29.91 -16.05
CAE O4B L . 9.71 -29.11 -15.35
OAN O4B L . 9.60 -29.30 -13.95
CAB O4B L . 10.30 -28.30 -13.22
CAA O4B M . -22.61 -10.75 7.36
OAM O4B M . -22.88 -12.11 7.70
CAC O4B M . -23.04 -12.34 9.10
CAD O4B M . -22.75 -13.77 9.45
OAO O4B M . -23.65 -14.65 8.78
CAG O4B M . -23.36 -16.03 8.99
CAH O4B M . -24.26 -16.90 8.19
OAQ O4B M . -24.29 -16.45 6.85
CAK O4B M . -24.59 -17.46 5.90
CAL O4B M . -23.70 -17.32 4.69
OAR O4B M . -23.78 -16.03 4.12
CAJ O4B M . -23.24 -15.97 2.81
CAI O4B M . -23.38 -14.59 2.23
OAP O4B M . -22.75 -13.60 3.03
CAF O4B M . -23.25 -12.29 2.82
CAE O4B M . -22.59 -11.28 3.69
OAN O4B M . -22.67 -11.60 5.07
CAB O4B M . -22.16 -10.60 5.95
C4 VOP N . 16.85 11.33 9.22
C7 VOP N . 14.51 12.34 8.03
C6 VOP N . 15.75 12.66 7.48
C8 VOP N . 14.45 11.50 9.14
C18 VOP N . 19.92 13.63 8.40
C26 VOP N . 12.98 5.63 7.01
C1 VOP N . 16.17 10.77 12.22
C2 VOP N . 15.60 10.09 10.99
C3 VOP N . 15.60 11.02 9.78
C5 VOP N . 16.91 12.14 8.08
N9 VOP N . 13.15 11.25 9.69
C10 VOP N . 12.68 11.45 10.96
C11 VOP N . 11.40 11.00 10.97
C12 VOP N . 11.17 10.49 9.69
N13 VOP N . 12.23 10.63 8.90
C14 VOP N . 16.23 13.42 6.38
N15 VOP N . 17.54 13.36 6.28
N16 VOP N . 17.96 12.59 7.33
C17 VOP N . 19.39 12.45 7.60
O19 VOP N . 19.22 14.56 8.71
O20 VOP N . 21.19 13.54 8.72
O21 VOP N . 16.45 8.96 10.73
C22 VOP N . 16.01 7.98 9.87
C23 VOP N . 14.77 7.93 9.30
C24 VOP N . 14.45 6.83 8.45
C25 VOP N . 13.20 6.70 7.81
C27 VOP N . 13.94 4.67 6.76
C28 VOP N . 15.16 4.77 7.36
C29 VOP N . 15.46 5.85 8.23
N30 VOP N . 16.69 5.93 8.79
C31 VOP N . 16.95 6.97 9.58
N32 VOP N . 18.18 7.08 10.11
F33 VOP N . 11.74 5.48 6.45
CHA HEM O . -4.56 2.17 22.14
CHB HEM O . -2.25 5.71 19.85
CHC HEM O . -3.79 3.93 15.64
CHD HEM O . -6.31 0.53 17.93
C1A HEM O . -3.79 3.29 21.88
C2A HEM O . -3.18 4.12 22.90
C3A HEM O . -2.53 5.13 22.23
C4A HEM O . -2.76 4.91 20.85
CMA HEM O . -1.73 6.24 22.87
CAA HEM O . -3.35 3.97 24.41
CBA HEM O . -2.15 3.27 24.98
CGA HEM O . -2.24 3.21 26.52
O1A HEM O . -3.07 3.83 27.17
O2A HEM O . -1.36 2.46 27.20
C1B HEM O . -2.46 5.51 18.48
C2B HEM O . -1.88 6.36 17.45
C3B HEM O . -2.34 5.88 16.29
C4B HEM O . -3.18 4.73 16.63
CMB HEM O . -0.93 7.51 17.74
CAB HEM O . -2.08 6.30 14.90
CBB HEM O . -1.58 7.51 14.60
C1C HEM O . -4.59 2.86 15.92
C2C HEM O . -5.40 2.22 14.88
C3C HEM O . -6.11 1.25 15.55
C4C HEM O . -5.78 1.36 16.96
CMC HEM O . -5.34 2.49 13.35
CAC HEM O . -7.06 0.29 15.01
CBC HEM O . -7.88 0.63 14.02
C1D HEM O . -5.98 0.70 19.29
C2D HEM O . -6.60 -0.14 20.34
C3D HEM O . -6.09 0.27 21.50
C4D HEM O . -5.19 1.41 21.18
CMD HEM O . -7.58 -1.29 20.11
CAD HEM O . -6.41 -0.18 22.91
CBD HEM O . -7.59 0.68 23.37
CGD HEM O . -7.90 0.40 24.81
O1D HEM O . -7.85 1.26 25.63
O2D HEM O . -8.25 -0.80 25.19
NA HEM O . -3.53 3.75 20.64
NB HEM O . -3.21 4.51 17.93
NC HEM O . -4.86 2.39 17.16
ND HEM O . -5.16 1.61 19.83
FE HEM O . -4.11 3.00 18.88
C CMO P . -6.63 4.25 18.30
O CMO P . -5.71 4.22 18.99
CAA O4B Q . -20.55 -3.53 13.98
OAM O4B Q . -21.25 -2.65 14.87
CAC O4B Q . -21.15 -3.04 16.23
CAD O4B Q . -21.83 -2.01 17.09
OAO O4B Q . -21.17 -0.77 16.94
CAG O4B Q . -21.68 0.25 17.78
CAH O4B Q . -21.36 1.59 17.22
OAQ O4B Q . -21.91 1.73 15.92
CAK O4B Q . -21.94 3.08 15.46
CAL O4B Q . -22.41 3.14 14.04
OAR O4B Q . -21.44 2.61 13.15
CAJ O4B Q . -21.77 2.80 11.79
CAI O4B Q . -21.25 1.69 10.96
OAP O4B Q . -21.71 0.44 11.44
CAF O4B Q . -21.76 -0.57 10.44
CAE O4B Q . -22.00 -1.91 11.07
OAN O4B Q . -20.99 -2.21 12.02
CAB O4B Q . -21.16 -3.49 12.62
C4 VOP R . 16.49 3.44 14.75
C7 VOP R . 15.64 0.99 13.64
C6 VOP R . 15.54 1.20 15.01
C8 VOP R . 16.13 2.02 12.83
C18 VOP R . 17.43 2.96 18.53
C26 VOP R . 11.07 4.93 10.22
C1 VOP R . 18.61 4.63 12.78
C2 VOP R . 17.14 4.40 12.55
C3 VOP R . 16.60 3.23 13.37
C5 VOP R . 15.95 2.44 15.54
N9 VOP R . 16.27 1.73 11.44
C10 VOP R . 17.37 1.81 10.65
C11 VOP R . 16.95 1.50 9.38
C12 VOP R . 15.58 1.29 9.48
N13 VOP R . 15.15 1.44 10.73
C14 VOP R . 15.08 0.46 16.13
N15 VOP R . 15.17 1.16 17.25
N16 VOP R . 15.71 2.37 16.89
C17 VOP R . 16.09 3.33 17.91
O19 VOP R . 18.03 1.95 18.21
O20 VOP R . 17.86 3.82 19.40
O21 VOP R . 16.47 5.61 12.92
C22 VOP R . 15.18 5.83 12.49
C23 VOP R . 14.47 5.01 11.66
C24 VOP R . 13.14 5.34 11.33
C25 VOP R . 12.32 4.53 10.49
C27 VOP R . 10.51 6.09 10.71
C28 VOP R . 11.26 6.88 11.54
C29 VOP R . 12.60 6.53 11.87
N30 VOP R . 13.32 7.34 12.70
C31 VOP R . 14.56 6.99 13.00
N32 VOP R . 15.23 7.74 13.89
F33 VOP R . 10.31 4.17 9.37
CHA HEM S . -7.63 11.72 -17.85
CHB HEM S . -10.95 10.98 -14.50
CHC HEM S . -7.51 9.31 -11.50
CHD HEM S . -4.19 10.41 -14.81
C1A HEM S . -8.82 11.71 -17.19
C2A HEM S . -10.08 12.12 -17.77
C3A HEM S . -10.99 11.97 -16.80
C4A HEM S . -10.31 11.38 -15.66
CMA HEM S . -12.46 12.22 -16.84
CAA HEM S . -10.25 12.75 -19.15
CBA HEM S . -10.61 11.70 -20.19
CGA HEM S . -10.34 12.20 -21.61
O1A HEM S . -10.33 13.42 -21.87
O2A HEM S . -10.10 11.30 -22.58
C1B HEM S . -10.31 10.38 -13.40
C2B HEM S . -11.03 9.97 -12.21
C3B HEM S . -10.07 9.50 -11.34
C4B HEM S . -8.74 9.65 -12.07
CMB HEM S . -12.53 10.06 -11.96
CAB HEM S . -10.30 9.04 -9.95
CBB HEM S . -9.64 8.13 -9.32
C1C HEM S . -6.30 9.48 -12.16
C2C HEM S . -5.00 9.33 -11.51
C3C HEM S . -4.05 9.61 -12.46
C4C HEM S . -4.78 9.99 -13.65
CMC HEM S . -4.77 8.87 -10.07
CAC HEM S . -2.57 9.59 -12.35
CBC HEM S . -1.95 9.43 -11.18
C1D HEM S . -4.89 10.82 -15.94
C2D HEM S . -4.19 11.21 -17.17
C3D HEM S . -5.16 11.47 -18.08
C4D HEM S . -6.41 11.33 -17.32
CMD HEM S . -2.71 11.24 -17.43
CAD HEM S . -4.94 11.94 -19.52
CBD HEM S . -4.68 13.45 -19.41
CGD HEM S . -4.31 14.09 -20.71
O1D HEM S . -5.04 14.06 -21.63
O2D HEM S . -3.12 14.67 -20.86
NA HEM S . -8.96 11.22 -15.91
NB HEM S . -8.95 10.16 -13.32
NC HEM S . -6.14 9.94 -13.44
ND HEM S . -6.22 10.89 -16.06
FE HEM S . -7.58 10.47 -14.71
C CMO T . -6.49 12.85 -13.30
O CMO T . -7.32 12.37 -13.91
CAA O4B U . -3.78 27.99 -20.31
OAM O4B U . -3.26 27.65 -21.58
CAC O4B U . -1.87 27.94 -21.71
CAD O4B U . -1.39 27.52 -23.06
OAO O4B U . -1.47 26.11 -23.18
CAG O4B U . -1.08 25.64 -24.47
CAH O4B U . -1.24 24.14 -24.49
OAQ O4B U . -2.62 23.83 -24.59
CAK O4B U . -2.88 22.43 -24.65
CAL O4B U . -4.34 22.17 -24.60
OAR O4B U . -4.85 22.49 -23.32
CAJ O4B U . -6.22 22.13 -23.15
CAI O4B U . -6.69 22.55 -21.81
OAP O4B U . -6.61 23.96 -21.69
CAF O4B U . -7.04 24.45 -20.43
CAE O4B U . -6.83 25.92 -20.32
OAN O4B U . -5.44 26.25 -20.33
CAB O4B U . -5.24 27.65 -20.20
#